data_5T5T
#
_entry.id   5T5T
#
_cell.length_a   125.040
_cell.length_b   125.040
_cell.length_c   403.360
_cell.angle_alpha   90.000
_cell.angle_beta   90.000
_cell.angle_gamma   120.000
#
_symmetry.space_group_name_H-M   'P 61 2 2'
#
loop_
_entity.id
_entity.type
_entity.pdbx_description
1 polymer "5'-AMP-activated protein kinase catalytic subunit alpha-1"
2 polymer "5'-AMP-activated protein kinase subunit beta-1"
3 polymer "5'-AMP-activated protein kinase subunit gamma-1"
4 non-polymer STAUROSPORINE
5 non-polymer 'CHLORIDE ION'
6 non-polymer 'SULFATE ION'
7 non-polymer '6-chloro-5-[6-(dimethylamino)-2-methoxypyridin-3-yl]-1H-indole-3-carboxylic acid'
8 non-polymer 'ADENOSINE MONOPHOSPHATE'
9 non-polymer "ADENOSINE-5'-DIPHOSPHATE"
#
loop_
_entity_poly.entity_id
_entity_poly.type
_entity_poly.pdbx_seq_one_letter_code
_entity_poly.pdbx_strand_id
1 'polypeptide(L)'
;GATAEKQKHDGRVKIGHYILGDTLGVGTFGKVKVGKHELTGHKVAVKILNRQKIRSLDVVGKIRREIQNLKLFRHPHIIK
LYQVISTPSDIFMVMEYVSGGELFDYICKNGRLDEKESRRLFQQILSGVDYCHRHMVVHRDLKPENVLLDAHMNAKIADF
GLSNMMSDGEFLR(TPO)SCGSPNYAAPEVISGRLYAGPEVDIWSSGVILYALLCGTLPFDDDHVPTLFKKICDGIFYTP
QYLNPSVISLLKHMLQVDPMKRATIKDIREHEWFKQDLPKYLFPEDPSYSSTMIDDEALKEVCEKFECSEEEVLSCLYNR
NHQDPLAVAYHLIIDNRRIMNEAKDFYLATSPPDSFLDDHHLTRPHPERVPFLVAETPRARHTLDELNPQKSKHQGVRKA
KWHLGIRSQSRPNDIMAEVCRAIKQLDYEWKVVNPYYLRVRRKNPVTSTFSKMSLQLYQVDSRTYLLDFRSIDDEASGGP
GGSAPRPGSHTIEFFEMCANLIKILAQ
;
A
2 'polypeptide(L)'
;MEVNEKAPAQARPTVFRWTGGGKEVYLSGSFNNWSKLPLTRDHNNFVAILDLPEGEHQYKFFVDGQWTHDPSEPIVTSQL
GTVNNIIQVKKTDFEVFDALMVDSQKCSDVSELSSSPPGPYHQEPYISKPEERFKAPPILPPHLLQVILNKDTGISCDPA
LLPEPNHVMLNHLYALSIKDGVMVLSATHRYKKKYVTTLLYKPI
;
B
3 'polypeptide(L)'
;MESVAAESAPAPENEHSQETPESNSSVYTTFMKSHRCYDLIPTSSKLVVFDTSLQVKKAFFALVTNGVRAAPLWDSKKQS
FVGMLTITDFINILHRYYKSALVQIYELEEHKIETWREVYLQDSFKPLVCISPNASLFDAVSSLIRNKIHRLPVIDPESG
NTLYILTHKRILKFLKLFITEFPKPEFMSKSLEELQIGTYANIAMVRTTTPVYVALGIFVQHRVSALPVVDEKGRVVDIY
SKFDVINLAAEKTYNNLDVSVTKALQHRSHYFEGVLKCYLHETLEAIINRLVEAEVHRLVVVDEHDVVKGIVSLSDILQA
LVLTGGEKKP
;
C
#
loop_
_chem_comp.id
_chem_comp.type
_chem_comp.name
_chem_comp.formula
75O non-polymer '6-chloro-5-[6-(dimethylamino)-2-methoxypyridin-3-yl]-1H-indole-3-carboxylic acid' 'C17 H16 Cl N3 O3'
ADP non-polymer ADENOSINE-5'-DIPHOSPHATE 'C10 H15 N5 O10 P2'
AMP non-polymer 'ADENOSINE MONOPHOSPHATE' 'C10 H14 N5 O7 P'
CL non-polymer 'CHLORIDE ION' 'Cl -1'
SO4 non-polymer 'SULFATE ION' 'O4 S -2'
STU non-polymer STAUROSPORINE 'C28 H26 N4 O3'
#
# COMPACT_ATOMS: atom_id res chain seq x y z
N GLY A 11 23.98 18.14 -43.91
CA GLY A 11 22.66 17.57 -44.10
C GLY A 11 22.34 16.42 -43.15
N ARG A 12 22.50 16.66 -41.84
CA ARG A 12 22.29 15.68 -40.79
C ARG A 12 21.22 16.15 -39.82
N VAL A 13 20.20 15.30 -39.58
CA VAL A 13 19.11 15.61 -38.65
C VAL A 13 19.62 15.28 -37.24
N LYS A 14 19.84 16.31 -36.41
CA LYS A 14 20.39 16.10 -35.06
C LYS A 14 19.46 16.60 -33.96
N ILE A 15 19.31 15.77 -32.90
CA ILE A 15 18.58 16.11 -31.68
C ILE A 15 19.50 15.75 -30.53
N GLY A 16 19.74 16.72 -29.66
CA GLY A 16 20.70 16.57 -28.58
C GLY A 16 22.06 16.63 -29.26
N HIS A 17 22.80 15.52 -29.24
CA HIS A 17 24.07 15.46 -29.94
C HIS A 17 24.18 14.23 -30.84
N TYR A 18 23.04 13.54 -31.01
CA TYR A 18 22.92 12.34 -31.82
C TYR A 18 22.34 12.64 -33.19
N ILE A 19 22.86 11.97 -34.21
CA ILE A 19 22.32 12.12 -35.56
C ILE A 19 21.22 11.09 -35.73
N LEU A 20 19.99 11.57 -35.98
CA LEU A 20 18.84 10.70 -36.18
C LEU A 20 19.01 9.93 -37.47
N GLY A 21 18.68 8.64 -37.44
CA GLY A 21 18.83 7.75 -38.58
C GLY A 21 17.54 7.11 -39.03
N ASP A 22 17.62 5.80 -39.32
CA ASP A 22 16.51 4.98 -39.79
C ASP A 22 15.49 4.71 -38.71
N THR A 23 14.25 4.40 -39.13
CA THR A 23 13.15 4.07 -38.21
C THR A 23 13.23 2.62 -37.81
N LEU A 24 13.23 2.36 -36.49
CA LEU A 24 13.26 1.03 -35.89
C LEU A 24 11.86 0.42 -35.89
N GLY A 25 10.86 1.27 -35.73
CA GLY A 25 9.46 0.88 -35.72
C GLY A 25 8.55 1.99 -35.24
N VAL A 26 7.24 1.69 -35.16
CA VAL A 26 6.21 2.62 -34.66
C VAL A 26 5.46 1.98 -33.49
N GLY A 27 5.67 2.54 -32.30
CA GLY A 27 5.10 2.05 -31.04
C GLY A 27 3.66 2.39 -30.80
N THR A 28 3.32 2.63 -29.52
CA THR A 28 1.96 2.96 -29.08
C THR A 28 1.62 4.39 -29.51
N PHE A 29 2.37 5.40 -29.02
CA PHE A 29 2.14 6.80 -29.41
C PHE A 29 3.42 7.46 -29.94
N GLY A 30 3.91 7.02 -31.11
CA GLY A 30 5.11 7.60 -31.70
C GLY A 30 5.96 6.72 -32.59
N LYS A 31 6.92 7.36 -33.29
CA LYS A 31 7.88 6.75 -34.21
C LYS A 31 9.21 6.57 -33.47
N VAL A 32 9.88 5.43 -33.65
CA VAL A 32 11.17 5.17 -32.99
C VAL A 32 12.30 5.13 -34.02
N LYS A 33 13.36 5.93 -33.82
CA LYS A 33 14.51 6.03 -34.73
C LYS A 33 15.87 5.81 -34.05
N VAL A 34 16.89 5.38 -34.81
CA VAL A 34 18.24 5.22 -34.28
C VAL A 34 18.91 6.59 -34.18
N GLY A 35 19.86 6.70 -33.25
CA GLY A 35 20.60 7.94 -33.02
C GLY A 35 22.05 7.65 -32.71
N LYS A 36 22.96 7.98 -33.65
CA LYS A 36 24.40 7.77 -33.50
C LYS A 36 25.05 9.09 -33.07
N HIS A 37 25.84 9.08 -31.98
CA HIS A 37 26.49 10.27 -31.45
C HIS A 37 27.46 10.92 -32.43
N GLU A 38 27.40 12.25 -32.50
CA GLU A 38 28.20 13.14 -33.34
C GLU A 38 29.70 12.84 -33.24
N LEU A 39 30.18 12.52 -32.03
CA LEU A 39 31.61 12.30 -31.74
C LEU A 39 31.97 10.87 -31.35
N THR A 40 31.25 10.26 -30.40
CA THR A 40 31.55 8.93 -29.87
C THR A 40 31.00 7.75 -30.71
N GLY A 41 29.93 8.00 -31.45
CA GLY A 41 29.28 6.98 -32.27
C GLY A 41 28.34 6.09 -31.48
N HIS A 42 28.04 6.50 -30.23
CA HIS A 42 27.12 5.79 -29.32
C HIS A 42 25.71 5.81 -29.88
N LYS A 43 25.04 4.65 -29.84
CA LYS A 43 23.69 4.52 -30.39
C LYS A 43 22.60 4.57 -29.34
N VAL A 44 21.51 5.29 -29.67
CA VAL A 44 20.31 5.44 -28.86
C VAL A 44 19.04 5.24 -29.71
N ALA A 45 17.90 4.97 -29.05
CA ALA A 45 16.60 4.84 -29.69
C ALA A 45 15.76 6.06 -29.28
N VAL A 46 15.28 6.82 -30.27
CA VAL A 46 14.54 8.05 -30.06
C VAL A 46 13.05 7.90 -30.41
N LYS A 47 12.18 8.02 -29.40
CA LYS A 47 10.73 7.99 -29.59
C LYS A 47 10.29 9.43 -29.84
N ILE A 48 9.72 9.71 -31.03
CA ILE A 48 9.28 11.07 -31.39
C ILE A 48 7.76 11.19 -31.25
N LEU A 49 7.32 11.95 -30.24
CA LEU A 49 5.90 12.16 -29.98
C LEU A 49 5.51 13.58 -30.38
N ASN A 50 4.63 13.73 -31.39
CA ASN A 50 4.15 15.03 -31.85
C ASN A 50 3.18 15.56 -30.83
N ARG A 51 3.51 16.71 -30.22
CA ARG A 51 2.69 17.36 -29.18
C ARG A 51 1.22 17.51 -29.61
N GLN A 52 0.98 18.01 -30.85
CA GLN A 52 -0.37 18.19 -31.41
C GLN A 52 -1.12 16.86 -31.60
N LYS A 53 -0.40 15.78 -31.93
CA LYS A 53 -0.97 14.44 -32.11
C LYS A 53 -1.26 13.81 -30.74
N ILE A 54 -0.35 13.97 -29.75
CA ILE A 54 -0.51 13.40 -28.41
C ILE A 54 -1.52 14.21 -27.58
N ARG A 55 -2.09 15.29 -28.16
CA ARG A 55 -3.13 16.07 -27.51
C ARG A 55 -4.46 15.85 -28.21
N SER A 56 -4.41 15.31 -29.46
CA SER A 56 -5.60 14.94 -30.26
C SER A 56 -6.27 13.77 -29.56
N LEU A 57 -5.45 12.86 -29.04
CA LEU A 57 -5.91 11.76 -28.19
C LEU A 57 -5.63 12.36 -26.81
N ASP A 58 -6.49 12.11 -25.80
CA ASP A 58 -6.21 12.72 -24.50
C ASP A 58 -5.17 11.91 -23.70
N VAL A 59 -4.05 11.60 -24.39
CA VAL A 59 -2.94 10.81 -23.87
C VAL A 59 -1.83 11.68 -23.25
N VAL A 60 -2.08 13.00 -23.09
CA VAL A 60 -1.12 13.96 -22.52
C VAL A 60 -0.68 13.53 -21.10
N GLY A 61 -1.66 13.16 -20.26
CA GLY A 61 -1.41 12.69 -18.90
C GLY A 61 -0.66 11.38 -18.89
N LYS A 62 -1.04 10.47 -19.83
CA LYS A 62 -0.43 9.14 -19.99
C LYS A 62 1.08 9.24 -20.24
N ILE A 63 1.49 10.21 -21.07
CA ILE A 63 2.89 10.48 -21.42
C ILE A 63 3.64 11.10 -20.23
N ARG A 64 2.98 12.05 -19.52
CA ARG A 64 3.53 12.71 -18.33
C ARG A 64 3.96 11.65 -17.30
N ARG A 65 3.07 10.66 -17.05
CA ARG A 65 3.27 9.54 -16.12
C ARG A 65 4.38 8.61 -16.62
N GLU A 66 4.30 8.18 -17.91
CA GLU A 66 5.26 7.28 -18.57
C GLU A 66 6.70 7.82 -18.47
N ILE A 67 6.88 9.13 -18.70
CA ILE A 67 8.18 9.80 -18.61
C ILE A 67 8.64 9.76 -17.15
N GLN A 68 7.77 10.18 -16.21
CA GLN A 68 8.01 10.20 -14.76
C GLN A 68 8.53 8.84 -14.27
N ASN A 69 7.87 7.75 -14.68
CA ASN A 69 8.19 6.37 -14.30
C ASN A 69 9.51 5.88 -14.88
N LEU A 70 9.65 5.91 -16.21
CA LEU A 70 10.83 5.44 -16.94
C LEU A 70 12.12 6.13 -16.53
N LYS A 71 12.02 7.40 -16.06
CA LYS A 71 13.16 8.20 -15.58
C LYS A 71 13.68 7.63 -14.26
N LEU A 72 12.77 7.31 -13.31
CA LEU A 72 13.13 6.75 -11.99
C LEU A 72 13.64 5.30 -12.06
N PHE A 73 13.17 4.52 -13.07
CA PHE A 73 13.54 3.11 -13.29
C PHE A 73 15.00 2.93 -13.69
N ARG A 74 15.59 1.77 -13.32
CA ARG A 74 16.95 1.35 -13.64
C ARG A 74 17.14 -0.15 -13.35
N HIS A 75 16.64 -1.01 -14.27
CA HIS A 75 16.71 -2.47 -14.20
C HIS A 75 17.44 -2.99 -15.45
N PRO A 76 18.26 -4.07 -15.34
CA PRO A 76 19.03 -4.57 -16.50
C PRO A 76 18.22 -5.16 -17.66
N HIS A 77 16.93 -5.43 -17.46
CA HIS A 77 16.05 -6.02 -18.45
C HIS A 77 14.85 -5.15 -18.77
N ILE A 78 15.01 -3.83 -18.58
CA ILE A 78 14.02 -2.81 -18.93
C ILE A 78 14.81 -1.70 -19.64
N ILE A 79 14.40 -1.34 -20.88
CA ILE A 79 15.04 -0.29 -21.69
C ILE A 79 15.09 1.02 -20.89
N LYS A 80 16.31 1.55 -20.68
CA LYS A 80 16.58 2.77 -19.93
C LYS A 80 16.22 4.03 -20.72
N LEU A 81 15.49 4.98 -20.11
CA LEU A 81 15.16 6.27 -20.70
C LEU A 81 16.27 7.22 -20.22
N TYR A 82 17.16 7.62 -21.12
CA TYR A 82 18.31 8.47 -20.80
C TYR A 82 17.95 9.92 -20.55
N GLN A 83 17.24 10.56 -21.51
CA GLN A 83 16.84 11.96 -21.42
C GLN A 83 15.63 12.25 -22.30
N VAL A 84 14.86 13.27 -21.93
CA VAL A 84 13.73 13.70 -22.72
C VAL A 84 14.00 15.14 -23.19
N ILE A 85 14.00 15.34 -24.52
CA ILE A 85 14.25 16.64 -25.15
C ILE A 85 12.94 17.17 -25.70
N SER A 86 12.54 18.36 -25.23
CA SER A 86 11.29 18.98 -25.67
C SER A 86 11.55 20.11 -26.67
N THR A 87 10.78 20.10 -27.77
CA THR A 87 10.83 21.11 -28.83
C THR A 87 9.44 21.77 -28.91
N PRO A 88 9.26 22.94 -29.60
CA PRO A 88 7.91 23.54 -29.65
C PRO A 88 6.87 22.70 -30.38
N SER A 89 7.34 21.77 -31.23
CA SER A 89 6.51 20.89 -32.04
C SER A 89 6.37 19.47 -31.49
N ASP A 90 7.49 18.83 -31.10
CA ASP A 90 7.53 17.45 -30.64
C ASP A 90 8.29 17.22 -29.32
N ILE A 91 8.18 16.00 -28.78
CA ILE A 91 8.86 15.52 -27.59
C ILE A 91 9.69 14.32 -28.04
N PHE A 92 11.01 14.37 -27.74
CA PHE A 92 11.98 13.36 -28.12
C PHE A 92 12.41 12.58 -26.89
N MET A 93 12.12 11.27 -26.87
CA MET A 93 12.47 10.38 -25.76
C MET A 93 13.69 9.55 -26.10
N VAL A 94 14.85 9.97 -25.56
CA VAL A 94 16.13 9.28 -25.77
C VAL A 94 16.21 8.08 -24.83
N MET A 95 16.34 6.88 -25.41
CA MET A 95 16.41 5.61 -24.66
C MET A 95 17.58 4.76 -25.15
N GLU A 96 17.98 3.73 -24.37
CA GLU A 96 19.06 2.84 -24.75
C GLU A 96 18.72 1.98 -25.99
N TYR A 97 19.71 1.76 -26.87
CA TYR A 97 19.51 0.98 -28.09
C TYR A 97 20.09 -0.43 -27.96
N VAL A 98 19.33 -1.45 -28.43
CA VAL A 98 19.75 -2.86 -28.41
C VAL A 98 19.73 -3.44 -29.83
N SER A 99 20.91 -3.87 -30.29
CA SER A 99 21.18 -4.41 -31.63
C SER A 99 20.37 -5.65 -32.03
N GLY A 100 20.19 -6.59 -31.11
CA GLY A 100 19.51 -7.87 -31.33
C GLY A 100 18.08 -7.85 -31.86
N GLY A 101 17.40 -6.70 -31.75
CA GLY A 101 16.04 -6.55 -32.23
C GLY A 101 14.99 -7.29 -31.41
N GLU A 102 13.82 -7.55 -32.03
CA GLU A 102 12.67 -8.23 -31.40
C GLU A 102 12.97 -9.67 -31.03
N LEU A 103 12.44 -10.11 -29.87
CA LEU A 103 12.53 -11.49 -29.39
C LEU A 103 11.59 -12.35 -30.23
N PHE A 104 10.45 -11.77 -30.66
CA PHE A 104 9.46 -12.39 -31.54
C PHE A 104 10.14 -12.81 -32.82
N ASP A 105 10.92 -11.90 -33.42
CA ASP A 105 11.68 -12.15 -34.65
C ASP A 105 12.73 -13.23 -34.42
N TYR A 106 13.35 -13.29 -33.21
CA TYR A 106 14.32 -14.34 -32.92
C TYR A 106 13.65 -15.71 -33.01
N ILE A 107 12.48 -15.85 -32.34
CA ILE A 107 11.64 -17.06 -32.32
C ILE A 107 11.09 -17.40 -33.73
N CYS A 108 11.08 -16.42 -34.65
CA CYS A 108 10.60 -16.63 -36.02
C CYS A 108 11.71 -17.16 -36.91
N LYS A 109 12.81 -16.39 -37.07
CA LYS A 109 13.96 -16.72 -37.93
C LYS A 109 14.66 -18.00 -37.49
N ASN A 110 14.86 -18.15 -36.17
CA ASN A 110 15.41 -19.34 -35.56
C ASN A 110 14.17 -20.08 -35.06
N GLY A 111 14.33 -21.32 -34.61
CA GLY A 111 13.20 -22.09 -34.13
C GLY A 111 12.80 -21.71 -32.71
N ARG A 112 12.21 -22.67 -31.98
CA ARG A 112 11.85 -22.48 -30.58
C ARG A 112 13.15 -22.57 -29.77
N LEU A 113 13.18 -21.93 -28.59
CA LEU A 113 14.37 -21.99 -27.74
C LEU A 113 14.41 -23.30 -26.94
N ASP A 114 15.63 -23.77 -26.63
CA ASP A 114 15.82 -24.98 -25.83
C ASP A 114 15.43 -24.68 -24.36
N GLU A 115 15.11 -25.72 -23.55
CA GLU A 115 14.71 -25.54 -22.14
C GLU A 115 15.64 -24.60 -21.38
N LYS A 116 16.97 -24.74 -21.58
CA LYS A 116 17.99 -23.92 -20.94
C LYS A 116 17.85 -22.43 -21.31
N GLU A 117 17.90 -22.10 -22.63
CA GLU A 117 17.77 -20.72 -23.12
C GLU A 117 16.40 -20.09 -22.87
N SER A 118 15.33 -20.91 -22.98
CA SER A 118 13.94 -20.48 -22.73
C SER A 118 13.82 -19.97 -21.31
N ARG A 119 14.38 -20.74 -20.36
CA ARG A 119 14.39 -20.46 -18.93
C ARG A 119 15.14 -19.17 -18.66
N ARG A 120 16.40 -19.09 -19.16
CA ARG A 120 17.31 -17.96 -19.03
C ARG A 120 16.57 -16.66 -19.30
N LEU A 121 15.99 -16.55 -20.50
CA LEU A 121 15.25 -15.39 -20.98
C LEU A 121 13.96 -15.16 -20.23
N PHE A 122 13.24 -16.23 -19.84
CA PHE A 122 12.01 -16.10 -19.08
C PHE A 122 12.28 -15.46 -17.72
N GLN A 123 13.39 -15.90 -17.06
CA GLN A 123 13.83 -15.39 -15.76
C GLN A 123 14.08 -13.88 -15.86
N GLN A 124 14.85 -13.46 -16.89
CA GLN A 124 15.20 -12.06 -17.16
C GLN A 124 13.94 -11.20 -17.37
N ILE A 125 12.97 -11.69 -18.18
CA ILE A 125 11.71 -10.99 -18.45
C ILE A 125 10.96 -10.81 -17.14
N LEU A 126 10.65 -11.92 -16.44
CA LEU A 126 9.94 -11.93 -15.17
C LEU A 126 10.59 -11.05 -14.10
N SER A 127 11.93 -10.94 -14.13
CA SER A 127 12.72 -10.08 -13.24
C SER A 127 12.31 -8.61 -13.46
N GLY A 128 12.23 -8.22 -14.74
CA GLY A 128 11.82 -6.88 -15.15
C GLY A 128 10.36 -6.62 -14.84
N VAL A 129 9.49 -7.62 -15.10
CA VAL A 129 8.03 -7.57 -14.85
C VAL A 129 7.80 -7.37 -13.35
N ASP A 130 8.64 -7.99 -12.53
CA ASP A 130 8.61 -7.86 -11.08
C ASP A 130 9.00 -6.43 -10.69
N TYR A 131 10.15 -5.92 -11.22
CA TYR A 131 10.66 -4.56 -10.96
C TYR A 131 9.58 -3.51 -11.23
N CYS A 132 8.79 -3.69 -12.29
CA CYS A 132 7.70 -2.81 -12.67
C CYS A 132 6.63 -2.82 -11.59
N HIS A 133 6.14 -4.01 -11.22
CA HIS A 133 5.11 -4.18 -10.21
C HIS A 133 5.51 -3.64 -8.85
N ARG A 134 6.78 -3.87 -8.45
CA ARG A 134 7.37 -3.39 -7.20
C ARG A 134 7.44 -1.85 -7.19
N HIS A 135 7.30 -1.22 -8.36
CA HIS A 135 7.31 0.23 -8.54
C HIS A 135 5.91 0.75 -8.90
N MET A 136 4.86 -0.06 -8.59
CA MET A 136 3.45 0.24 -8.83
C MET A 136 3.15 0.62 -10.28
N VAL A 137 3.87 0.01 -11.22
CA VAL A 137 3.72 0.24 -12.65
C VAL A 137 3.38 -1.09 -13.29
N VAL A 138 2.23 -1.17 -13.95
CA VAL A 138 1.85 -2.41 -14.60
C VAL A 138 1.94 -2.23 -16.12
N HIS A 139 2.93 -2.88 -16.74
CA HIS A 139 3.14 -2.81 -18.18
C HIS A 139 2.13 -3.74 -18.83
N ARG A 140 0.99 -3.21 -19.28
CA ARG A 140 0.05 -4.03 -20.04
C ARG A 140 0.69 -4.14 -21.43
N ASP A 141 0.25 -5.10 -22.30
CA ASP A 141 0.82 -5.28 -23.66
C ASP A 141 2.28 -5.81 -23.61
N LEU A 142 2.44 -6.95 -22.95
CA LEU A 142 3.70 -7.65 -22.73
C LEU A 142 3.74 -8.86 -23.69
N LYS A 143 4.42 -8.69 -24.84
CA LYS A 143 4.54 -9.70 -25.90
C LYS A 143 6.00 -9.84 -26.42
N PRO A 144 6.43 -10.94 -27.09
CA PRO A 144 7.82 -11.01 -27.59
C PRO A 144 8.16 -9.95 -28.64
N GLU A 145 7.14 -9.26 -29.16
CA GLU A 145 7.29 -8.15 -30.09
C GLU A 145 7.81 -6.95 -29.30
N ASN A 146 7.43 -6.83 -28.01
CA ASN A 146 7.84 -5.74 -27.10
C ASN A 146 9.06 -6.11 -26.24
N VAL A 147 9.52 -7.37 -26.34
CA VAL A 147 10.74 -7.78 -25.63
C VAL A 147 11.87 -7.68 -26.65
N LEU A 148 12.85 -6.83 -26.37
CA LEU A 148 13.97 -6.66 -27.29
C LEU A 148 15.21 -7.42 -26.76
N LEU A 149 16.17 -7.67 -27.66
CA LEU A 149 17.39 -8.40 -27.35
C LEU A 149 18.63 -7.59 -27.65
N ASP A 150 19.67 -7.74 -26.82
CA ASP A 150 20.92 -7.04 -27.05
C ASP A 150 21.88 -7.97 -27.79
N ALA A 151 23.16 -7.55 -27.93
CA ALA A 151 24.21 -8.31 -28.60
C ALA A 151 24.49 -9.62 -27.87
N HIS A 152 24.34 -9.64 -26.53
CA HIS A 152 24.62 -10.80 -25.70
C HIS A 152 23.36 -11.58 -25.29
N MET A 153 22.31 -11.52 -26.14
CA MET A 153 21.05 -12.28 -26.00
C MET A 153 20.21 -11.95 -24.73
N ASN A 154 20.44 -10.78 -24.09
CA ASN A 154 19.70 -10.38 -22.89
C ASN A 154 18.39 -9.71 -23.24
N ALA A 155 17.30 -10.17 -22.60
CA ALA A 155 15.95 -9.64 -22.79
C ALA A 155 15.84 -8.21 -22.24
N LYS A 156 15.00 -7.36 -22.86
CA LYS A 156 14.82 -5.96 -22.48
C LYS A 156 13.39 -5.51 -22.75
N ILE A 157 12.63 -5.20 -21.69
CA ILE A 157 11.23 -4.77 -21.80
C ILE A 157 11.16 -3.34 -22.37
N ALA A 158 10.37 -3.16 -23.43
CA ALA A 158 10.17 -1.88 -24.10
C ALA A 158 8.68 -1.57 -24.34
N ASP A 159 8.38 -0.31 -24.74
CA ASP A 159 7.06 0.24 -25.03
C ASP A 159 6.14 0.23 -23.82
N PHE A 160 6.25 1.27 -23.00
CA PHE A 160 5.42 1.42 -21.82
C PHE A 160 4.18 2.30 -22.10
N GLY A 161 3.86 2.46 -23.39
CA GLY A 161 2.72 3.25 -23.90
C GLY A 161 1.38 2.86 -23.33
N LEU A 162 1.14 1.54 -23.20
CA LEU A 162 -0.10 1.00 -22.64
C LEU A 162 -0.03 0.74 -21.12
N SER A 163 1.16 0.89 -20.48
CA SER A 163 1.33 0.70 -19.05
C SER A 163 0.55 1.74 -18.24
N ASN A 164 0.11 1.34 -17.04
CA ASN A 164 -0.62 2.22 -16.14
C ASN A 164 -0.14 2.05 -14.71
N MET A 165 -0.46 3.04 -13.86
CA MET A 165 -0.09 3.04 -12.44
C MET A 165 -1.00 2.12 -11.65
N MET A 166 -0.51 1.66 -10.50
CA MET A 166 -1.27 0.84 -9.56
C MET A 166 -1.54 1.69 -8.33
N SER A 167 -2.75 2.28 -8.28
CA SER A 167 -3.17 3.12 -7.16
C SER A 167 -3.77 2.27 -6.04
N ASP A 168 -3.57 2.70 -4.79
CA ASP A 168 -4.11 2.00 -3.62
C ASP A 168 -5.64 2.08 -3.58
N GLY A 169 -6.29 0.92 -3.59
CA GLY A 169 -7.74 0.80 -3.57
C GLY A 169 -8.43 0.81 -4.92
N GLU A 170 -7.75 1.27 -5.97
CA GLU A 170 -8.33 1.36 -7.31
C GLU A 170 -7.96 0.22 -8.26
N PHE A 171 -8.88 -0.09 -9.19
CA PHE A 171 -8.75 -1.13 -10.23
C PHE A 171 -8.53 -0.51 -11.60
N LEU A 172 -8.21 -1.34 -12.60
CA LEU A 172 -8.01 -0.92 -14.00
C LEU A 172 -9.10 -1.53 -14.88
N ARG A 173 -9.51 -0.81 -15.95
CA ARG A 173 -10.57 -1.24 -16.86
C ARG A 173 -10.12 -1.53 -18.30
N TPO A 174 -9.23 -0.68 -18.86
CA TPO A 174 -8.73 -0.71 -20.24
CB TPO A 174 -7.55 0.26 -20.45
CG2 TPO A 174 -7.20 0.46 -21.93
OG1 TPO A 174 -7.98 1.55 -19.98
P TPO A 174 -7.05 2.21 -18.97
O1P TPO A 174 -7.68 3.55 -18.60
O2P TPO A 174 -6.85 1.38 -17.69
O3P TPO A 174 -5.71 2.54 -19.65
C TPO A 174 -8.38 -2.11 -20.74
O TPO A 174 -7.62 -2.83 -20.09
N SER A 175 -8.97 -2.49 -21.88
CA SER A 175 -8.75 -3.78 -22.54
C SER A 175 -7.65 -3.60 -23.61
N CYS A 176 -6.44 -3.32 -23.13
CA CYS A 176 -5.28 -3.04 -23.98
C CYS A 176 -4.32 -4.22 -24.17
N GLY A 177 -3.70 -4.25 -25.36
CA GLY A 177 -2.74 -5.26 -25.77
C GLY A 177 -3.28 -6.21 -26.82
N SER A 178 -2.37 -7.06 -27.37
CA SER A 178 -2.66 -8.06 -28.39
C SER A 178 -3.68 -9.09 -27.89
N PRO A 179 -4.65 -9.55 -28.71
CA PRO A 179 -5.63 -10.54 -28.22
C PRO A 179 -5.03 -11.86 -27.74
N ASN A 180 -3.95 -12.32 -28.39
CA ASN A 180 -3.25 -13.58 -28.09
C ASN A 180 -2.57 -13.58 -26.71
N TYR A 181 -2.11 -12.41 -26.27
CA TYR A 181 -1.42 -12.23 -24.99
C TYR A 181 -2.33 -11.70 -23.89
N ALA A 182 -3.52 -11.19 -24.25
CA ALA A 182 -4.48 -10.64 -23.31
C ALA A 182 -5.13 -11.72 -22.44
N ALA A 183 -5.24 -11.41 -21.13
CA ALA A 183 -5.84 -12.24 -20.08
C ALA A 183 -7.35 -12.40 -20.32
N PRO A 184 -8.02 -13.48 -19.81
CA PRO A 184 -9.47 -13.63 -20.05
C PRO A 184 -10.29 -12.44 -19.55
N GLU A 185 -9.90 -11.85 -18.39
CA GLU A 185 -10.56 -10.68 -17.80
C GLU A 185 -10.37 -9.43 -18.67
N VAL A 186 -9.22 -9.32 -19.36
CA VAL A 186 -8.90 -8.20 -20.27
C VAL A 186 -9.81 -8.30 -21.50
N ILE A 187 -9.86 -9.48 -22.15
CA ILE A 187 -10.71 -9.71 -23.33
C ILE A 187 -12.21 -9.70 -22.97
N SER A 188 -12.55 -10.02 -21.70
CA SER A 188 -13.94 -9.95 -21.21
C SER A 188 -14.32 -8.53 -20.77
N GLY A 189 -13.32 -7.64 -20.69
CA GLY A 189 -13.48 -6.25 -20.30
C GLY A 189 -13.85 -6.03 -18.85
N ARG A 190 -13.56 -7.02 -17.99
CA ARG A 190 -13.84 -6.99 -16.56
C ARG A 190 -12.76 -6.19 -15.84
N LEU A 191 -13.07 -5.66 -14.63
CA LEU A 191 -12.13 -4.89 -13.81
C LEU A 191 -11.02 -5.77 -13.23
N TYR A 192 -9.77 -5.36 -13.41
CA TYR A 192 -8.62 -6.11 -12.90
C TYR A 192 -7.73 -5.27 -12.00
N ALA A 193 -6.96 -5.94 -11.14
CA ALA A 193 -6.04 -5.30 -10.19
C ALA A 193 -4.80 -4.74 -10.90
N GLY A 194 -4.20 -5.55 -11.78
CA GLY A 194 -3.02 -5.16 -12.52
C GLY A 194 -1.99 -6.24 -12.76
N PRO A 195 -1.23 -6.69 -11.73
CA PRO A 195 -0.15 -7.67 -11.99
C PRO A 195 -0.57 -8.99 -12.62
N GLU A 196 -1.76 -9.50 -12.22
CA GLU A 196 -2.31 -10.78 -12.69
C GLU A 196 -2.45 -10.86 -14.21
N VAL A 197 -2.62 -9.70 -14.88
CA VAL A 197 -2.76 -9.66 -16.34
C VAL A 197 -1.39 -9.76 -16.99
N ASP A 198 -0.33 -9.27 -16.29
CA ASP A 198 1.04 -9.34 -16.78
C ASP A 198 1.57 -10.75 -16.62
N ILE A 199 1.12 -11.47 -15.57
CA ILE A 199 1.49 -12.87 -15.32
C ILE A 199 0.98 -13.72 -16.49
N TRP A 200 -0.30 -13.51 -16.92
CA TRP A 200 -0.91 -14.21 -18.05
C TRP A 200 -0.08 -13.94 -19.31
N SER A 201 0.32 -12.67 -19.52
CA SER A 201 1.13 -12.27 -20.67
C SER A 201 2.52 -12.95 -20.61
N SER A 202 3.11 -13.02 -19.41
CA SER A 202 4.40 -13.67 -19.20
C SER A 202 4.29 -15.18 -19.41
N GLY A 203 3.11 -15.74 -19.13
CA GLY A 203 2.80 -17.15 -19.34
C GLY A 203 2.78 -17.51 -20.80
N VAL A 204 2.14 -16.66 -21.63
CA VAL A 204 2.07 -16.89 -23.07
C VAL A 204 3.45 -16.67 -23.70
N ILE A 205 4.27 -15.73 -23.14
CA ILE A 205 5.64 -15.47 -23.62
C ILE A 205 6.47 -16.73 -23.40
N LEU A 206 6.32 -17.35 -22.20
CA LEU A 206 7.02 -18.57 -21.83
C LEU A 206 6.72 -19.70 -22.81
N TYR A 207 5.43 -19.93 -23.11
CA TYR A 207 4.98 -20.94 -24.07
C TYR A 207 5.62 -20.66 -25.44
N ALA A 208 5.57 -19.39 -25.89
CA ALA A 208 6.15 -18.95 -27.15
C ALA A 208 7.63 -19.29 -27.25
N LEU A 209 8.39 -19.14 -26.13
CA LEU A 209 9.82 -19.45 -26.06
C LEU A 209 10.10 -20.95 -26.23
N LEU A 210 9.34 -21.80 -25.50
CA LEU A 210 9.48 -23.26 -25.48
C LEU A 210 8.93 -23.97 -26.70
N CYS A 211 7.89 -23.38 -27.35
CA CYS A 211 7.21 -24.04 -28.48
C CYS A 211 7.42 -23.38 -29.82
N GLY A 212 7.71 -22.08 -29.83
CA GLY A 212 7.90 -21.33 -31.06
C GLY A 212 6.58 -20.87 -31.66
N THR A 213 5.45 -21.31 -31.06
CA THR A 213 4.07 -21.00 -31.46
C THR A 213 3.29 -20.39 -30.29
N LEU A 214 2.09 -19.86 -30.57
CA LEU A 214 1.20 -19.26 -29.56
C LEU A 214 0.31 -20.32 -28.92
N PRO A 215 0.04 -20.25 -27.59
CA PRO A 215 -0.83 -21.26 -26.95
C PRO A 215 -2.29 -21.08 -27.29
N PHE A 216 -2.68 -19.81 -27.53
CA PHE A 216 -4.03 -19.42 -27.91
C PHE A 216 -3.91 -18.70 -29.22
N ASP A 217 -4.37 -19.36 -30.31
CA ASP A 217 -4.35 -18.82 -31.68
C ASP A 217 -5.32 -19.52 -32.60
N ASP A 218 -6.00 -18.70 -33.42
CA ASP A 218 -6.96 -19.09 -34.45
C ASP A 218 -7.22 -17.88 -35.33
N ASP A 219 -7.51 -18.13 -36.61
CA ASP A 219 -7.85 -17.09 -37.59
C ASP A 219 -9.23 -16.53 -37.26
N HIS A 220 -10.13 -17.41 -36.79
CA HIS A 220 -11.47 -17.06 -36.35
C HIS A 220 -11.37 -16.44 -34.95
N VAL A 221 -11.61 -15.12 -34.86
CA VAL A 221 -11.54 -14.34 -33.61
C VAL A 221 -12.53 -14.88 -32.53
N PRO A 222 -13.83 -15.17 -32.82
CA PRO A 222 -14.72 -15.68 -31.77
C PRO A 222 -14.26 -16.97 -31.08
N THR A 223 -13.71 -17.94 -31.84
CA THR A 223 -13.22 -19.20 -31.25
C THR A 223 -11.91 -18.97 -30.49
N LEU A 224 -11.09 -17.97 -30.90
CA LEU A 224 -9.85 -17.61 -30.20
C LEU A 224 -10.20 -17.13 -28.77
N PHE A 225 -11.19 -16.23 -28.64
CA PHE A 225 -11.69 -15.65 -27.38
C PHE A 225 -12.30 -16.72 -26.48
N LYS A 226 -12.95 -17.73 -27.08
CA LYS A 226 -13.53 -18.87 -26.37
C LYS A 226 -12.38 -19.69 -25.81
N LYS A 227 -11.38 -20.00 -26.65
CA LYS A 227 -10.17 -20.76 -26.30
C LYS A 227 -9.39 -20.13 -25.14
N ILE A 228 -9.30 -18.77 -25.09
CA ILE A 228 -8.63 -18.01 -24.03
C ILE A 228 -9.42 -18.13 -22.73
N CYS A 229 -10.73 -17.90 -22.78
CA CYS A 229 -11.62 -17.98 -21.62
C CYS A 229 -11.85 -19.40 -21.14
N ASP A 230 -11.50 -20.40 -21.97
CA ASP A 230 -11.56 -21.82 -21.63
C ASP A 230 -10.21 -22.27 -21.06
N GLY A 231 -9.18 -21.44 -21.24
CA GLY A 231 -7.81 -21.64 -20.77
C GLY A 231 -7.13 -22.91 -21.21
N ILE A 232 -7.64 -23.50 -22.30
CA ILE A 232 -7.13 -24.75 -22.86
C ILE A 232 -6.12 -24.48 -23.99
N PHE A 233 -4.95 -25.12 -23.88
CA PHE A 233 -3.83 -25.01 -24.83
C PHE A 233 -3.11 -26.34 -24.96
N TYR A 234 -2.48 -26.60 -26.11
CA TYR A 234 -1.78 -27.86 -26.35
C TYR A 234 -0.39 -27.89 -25.74
N THR A 235 -0.07 -28.98 -25.04
CA THR A 235 1.26 -29.17 -24.47
C THR A 235 2.00 -30.24 -25.29
N PRO A 236 2.97 -29.83 -26.15
CA PRO A 236 3.70 -30.81 -26.97
C PRO A 236 4.52 -31.81 -26.15
N GLN A 237 4.71 -33.03 -26.67
CA GLN A 237 5.45 -34.12 -26.00
C GLN A 237 6.86 -33.71 -25.50
N TYR A 238 7.56 -32.84 -26.25
CA TYR A 238 8.90 -32.37 -25.90
C TYR A 238 8.95 -31.46 -24.66
N LEU A 239 7.80 -30.93 -24.23
CA LEU A 239 7.69 -30.05 -23.06
C LEU A 239 7.90 -30.81 -21.76
N ASN A 240 8.76 -30.26 -20.86
CA ASN A 240 9.06 -30.84 -19.55
C ASN A 240 7.83 -30.71 -18.64
N PRO A 241 7.32 -31.83 -18.04
CA PRO A 241 6.12 -31.72 -17.18
C PRO A 241 6.19 -30.67 -16.07
N SER A 242 7.41 -30.36 -15.59
CA SER A 242 7.62 -29.32 -14.58
C SER A 242 7.24 -27.96 -15.16
N VAL A 243 7.70 -27.62 -16.40
CA VAL A 243 7.32 -26.35 -17.02
C VAL A 243 5.83 -26.34 -17.37
N ILE A 244 5.24 -27.52 -17.70
CA ILE A 244 3.81 -27.67 -18.00
C ILE A 244 3.00 -27.30 -16.75
N SER A 245 3.49 -27.67 -15.54
CA SER A 245 2.82 -27.32 -14.30
C SER A 245 2.90 -25.81 -14.05
N LEU A 246 4.03 -25.19 -14.45
CA LEU A 246 4.25 -23.75 -14.32
C LEU A 246 3.29 -23.00 -15.23
N LEU A 247 3.22 -23.42 -16.51
CA LEU A 247 2.33 -22.85 -17.54
C LEU A 247 0.87 -22.98 -17.14
N LYS A 248 0.50 -24.12 -16.52
CA LYS A 248 -0.86 -24.36 -16.05
C LYS A 248 -1.23 -23.37 -14.94
N HIS A 249 -0.31 -23.15 -13.98
CA HIS A 249 -0.51 -22.22 -12.86
C HIS A 249 -0.52 -20.76 -13.33
N MET A 250 0.38 -20.43 -14.28
CA MET A 250 0.50 -19.08 -14.84
C MET A 250 -0.69 -18.72 -15.70
N LEU A 251 -1.16 -19.67 -16.55
CA LEU A 251 -2.28 -19.45 -17.46
C LEU A 251 -3.60 -19.98 -16.91
N GLN A 252 -3.94 -19.52 -15.71
CA GLN A 252 -5.19 -19.85 -15.04
C GLN A 252 -6.25 -18.84 -15.45
N VAL A 253 -7.43 -19.32 -15.84
CA VAL A 253 -8.54 -18.42 -16.23
C VAL A 253 -9.00 -17.57 -15.03
N ASP A 254 -9.05 -18.19 -13.83
CA ASP A 254 -9.43 -17.51 -12.58
C ASP A 254 -8.24 -16.73 -12.04
N PRO A 255 -8.35 -15.38 -11.92
CA PRO A 255 -7.21 -14.59 -11.40
C PRO A 255 -6.84 -14.89 -9.95
N MET A 256 -7.77 -15.46 -9.17
CA MET A 256 -7.50 -15.82 -7.78
C MET A 256 -6.75 -17.15 -7.71
N LYS A 257 -6.90 -18.00 -8.73
CA LYS A 257 -6.20 -19.29 -8.83
C LYS A 257 -4.87 -19.13 -9.61
N ARG A 258 -4.64 -17.95 -10.22
CA ARG A 258 -3.44 -17.63 -11.00
C ARG A 258 -2.21 -17.39 -10.13
N ALA A 259 -1.03 -17.76 -10.66
CA ALA A 259 0.28 -17.61 -10.02
C ALA A 259 0.67 -16.16 -9.80
N THR A 260 1.48 -15.92 -8.76
CA THR A 260 2.03 -14.61 -8.42
C THR A 260 3.53 -14.69 -8.72
N ILE A 261 4.22 -13.53 -8.82
CA ILE A 261 5.68 -13.55 -9.06
C ILE A 261 6.35 -14.38 -7.95
N LYS A 262 5.78 -14.35 -6.72
CA LYS A 262 6.23 -15.13 -5.56
C LYS A 262 6.02 -16.63 -5.80
N ASP A 263 4.84 -17.04 -6.33
CA ASP A 263 4.50 -18.44 -6.64
C ASP A 263 5.45 -18.97 -7.74
N ILE A 264 5.81 -18.11 -8.72
CA ILE A 264 6.71 -18.44 -9.82
C ILE A 264 8.13 -18.59 -9.27
N ARG A 265 8.61 -17.61 -8.46
CA ARG A 265 9.93 -17.62 -7.82
C ARG A 265 10.16 -18.94 -7.07
N GLU A 266 9.08 -19.45 -6.43
CA GLU A 266 9.05 -20.69 -5.66
C GLU A 266 9.00 -21.95 -6.53
N HIS A 267 8.48 -21.86 -7.77
CA HIS A 267 8.38 -23.00 -8.68
C HIS A 267 9.74 -23.61 -9.01
N GLU A 268 9.81 -24.95 -9.00
CA GLU A 268 11.01 -25.76 -9.24
C GLU A 268 11.72 -25.45 -10.57
N TRP A 269 10.96 -25.36 -11.68
CA TRP A 269 11.47 -25.11 -13.02
C TRP A 269 12.10 -23.72 -13.15
N PHE A 270 11.55 -22.73 -12.43
CA PHE A 270 12.05 -21.35 -12.44
C PHE A 270 13.38 -21.23 -11.69
N LYS A 271 13.42 -21.76 -10.45
CA LYS A 271 14.58 -21.71 -9.55
C LYS A 271 15.87 -22.30 -10.13
N GLN A 272 15.74 -23.30 -11.02
CA GLN A 272 16.86 -23.99 -11.67
C GLN A 272 17.76 -22.99 -12.40
N ASP A 273 19.07 -22.96 -12.04
CA ASP A 273 20.13 -22.08 -12.60
C ASP A 273 19.77 -20.58 -12.59
N LEU A 274 18.86 -20.16 -11.68
CA LEU A 274 18.40 -18.77 -11.55
C LEU A 274 19.50 -17.89 -10.96
N PRO A 275 20.05 -16.92 -11.73
CA PRO A 275 21.10 -16.06 -11.20
C PRO A 275 20.64 -15.10 -10.11
N LYS A 276 21.54 -14.88 -9.14
CA LYS A 276 21.41 -14.07 -7.94
C LYS A 276 21.03 -12.60 -8.21
N TYR A 277 21.66 -11.96 -9.23
CA TYR A 277 21.47 -10.55 -9.57
C TYR A 277 20.02 -10.18 -9.91
N LEU A 278 19.26 -11.14 -10.45
CA LEU A 278 17.89 -10.94 -10.92
C LEU A 278 16.87 -10.57 -9.85
N PHE A 279 16.89 -11.25 -8.71
CA PHE A 279 15.88 -11.00 -7.69
C PHE A 279 16.44 -10.61 -6.31
N PRO A 280 15.68 -9.80 -5.52
CA PRO A 280 16.15 -9.45 -4.17
C PRO A 280 15.81 -10.54 -3.13
N GLU A 281 15.73 -10.16 -1.82
CA GLU A 281 15.41 -11.00 -0.66
C GLU A 281 16.37 -12.18 -0.50
N ALA A 396 -18.31 -14.23 12.86
CA ALA A 396 -17.07 -13.54 12.56
C ALA A 396 -16.93 -13.24 11.07
N LYS A 397 -18.05 -13.33 10.32
CA LYS A 397 -18.09 -13.10 8.87
C LYS A 397 -18.06 -11.62 8.48
N TRP A 398 -17.09 -11.25 7.64
CA TRP A 398 -16.91 -9.89 7.15
C TRP A 398 -17.53 -9.71 5.77
N HIS A 399 -18.15 -8.53 5.53
CA HIS A 399 -18.81 -8.22 4.26
C HIS A 399 -18.36 -6.86 3.73
N LEU A 400 -18.12 -6.74 2.41
CA LEU A 400 -17.73 -5.48 1.81
C LEU A 400 -18.99 -4.69 1.47
N GLY A 401 -19.26 -3.65 2.25
CA GLY A 401 -20.44 -2.80 2.08
C GLY A 401 -21.76 -3.50 2.22
N ILE A 402 -22.81 -2.93 1.59
CA ILE A 402 -24.18 -3.46 1.63
C ILE A 402 -24.58 -4.13 0.30
N ARG A 403 -25.48 -5.12 0.37
CA ARG A 403 -25.96 -5.87 -0.79
C ARG A 403 -27.48 -5.72 -1.02
N SER A 404 -27.88 -4.62 -1.70
CA SER A 404 -29.29 -4.34 -2.04
C SER A 404 -29.67 -5.09 -3.32
N GLN A 405 -30.73 -5.92 -3.26
CA GLN A 405 -31.19 -6.74 -4.38
C GLN A 405 -32.11 -6.02 -5.38
N SER A 406 -32.31 -4.69 -5.23
CA SER A 406 -33.14 -3.86 -6.10
C SER A 406 -32.51 -3.66 -7.49
N ARG A 407 -33.21 -2.91 -8.39
CA ARG A 407 -32.76 -2.61 -9.75
C ARG A 407 -31.51 -1.69 -9.68
N PRO A 408 -30.50 -1.87 -10.57
CA PRO A 408 -29.29 -1.01 -10.51
C PRO A 408 -29.53 0.51 -10.47
N ASN A 409 -30.57 0.99 -11.17
CA ASN A 409 -30.94 2.41 -11.18
C ASN A 409 -31.69 2.78 -9.90
N ASP A 410 -32.49 1.83 -9.35
CA ASP A 410 -33.28 1.99 -8.13
C ASP A 410 -32.40 2.11 -6.87
N ILE A 411 -31.21 1.47 -6.88
CA ILE A 411 -30.24 1.52 -5.76
C ILE A 411 -29.57 2.91 -5.77
N MET A 412 -29.17 3.40 -6.97
CA MET A 412 -28.55 4.70 -7.17
C MET A 412 -29.53 5.83 -6.79
N ALA A 413 -30.84 5.61 -7.00
CA ALA A 413 -31.91 6.55 -6.67
C ALA A 413 -32.09 6.64 -5.16
N GLU A 414 -31.87 5.52 -4.43
CA GLU A 414 -31.98 5.43 -2.98
C GLU A 414 -30.80 6.10 -2.26
N VAL A 415 -29.58 5.94 -2.79
CA VAL A 415 -28.35 6.50 -2.20
C VAL A 415 -28.28 8.03 -2.33
N CYS A 416 -28.77 8.59 -3.46
CA CYS A 416 -28.77 10.03 -3.68
C CYS A 416 -29.80 10.72 -2.78
N ARG A 417 -30.90 10.01 -2.46
CA ARG A 417 -31.97 10.46 -1.57
C ARG A 417 -31.52 10.30 -0.10
N ALA A 418 -30.41 9.58 0.13
CA ALA A 418 -29.81 9.31 1.44
C ALA A 418 -28.60 10.22 1.72
N ILE A 419 -27.79 10.52 0.67
CA ILE A 419 -26.60 11.38 0.74
C ILE A 419 -27.02 12.83 1.06
N LYS A 420 -28.06 13.33 0.34
CA LYS A 420 -28.62 14.67 0.52
C LYS A 420 -29.34 14.79 1.87
N GLN A 421 -29.98 13.69 2.34
CA GLN A 421 -30.69 13.61 3.63
C GLN A 421 -29.73 13.80 4.81
N LEU A 422 -28.47 13.37 4.65
CA LEU A 422 -27.41 13.50 5.65
C LEU A 422 -26.59 14.80 5.46
N ASP A 423 -27.03 15.67 4.50
CA ASP A 423 -26.44 16.95 4.12
C ASP A 423 -24.96 16.80 3.73
N TYR A 424 -24.72 16.27 2.52
CA TYR A 424 -23.38 16.02 1.99
C TYR A 424 -23.29 16.38 0.51
N GLU A 425 -22.27 17.19 0.14
CA GLU A 425 -22.03 17.63 -1.24
C GLU A 425 -21.39 16.52 -2.06
N TRP A 426 -21.93 16.25 -3.27
CA TRP A 426 -21.41 15.20 -4.14
C TRP A 426 -21.33 15.58 -5.62
N LYS A 427 -20.50 14.83 -6.39
CA LYS A 427 -20.30 15.00 -7.83
C LYS A 427 -20.36 13.64 -8.53
N VAL A 428 -21.39 13.44 -9.38
CA VAL A 428 -21.62 12.20 -10.13
C VAL A 428 -20.65 12.10 -11.32
N VAL A 429 -19.84 11.03 -11.35
CA VAL A 429 -18.85 10.78 -12.40
C VAL A 429 -19.43 9.78 -13.42
N ASN A 430 -19.96 8.64 -12.93
CA ASN A 430 -20.60 7.59 -13.74
C ASN A 430 -21.98 7.29 -13.16
N PRO A 431 -22.94 6.67 -13.90
CA PRO A 431 -24.26 6.37 -13.30
C PRO A 431 -24.19 5.37 -12.12
N TYR A 432 -22.99 4.84 -11.83
CA TYR A 432 -22.72 3.89 -10.74
C TYR A 432 -21.57 4.34 -9.81
N TYR A 433 -20.76 5.34 -10.24
CA TYR A 433 -19.62 5.89 -9.48
C TYR A 433 -19.93 7.30 -8.97
N LEU A 434 -19.83 7.52 -7.65
CA LEU A 434 -20.11 8.81 -6.99
C LEU A 434 -19.01 9.21 -6.02
N ARG A 435 -18.66 10.51 -5.98
CA ARG A 435 -17.65 11.10 -5.09
C ARG A 435 -18.37 12.07 -4.12
N VAL A 436 -18.32 11.78 -2.81
CA VAL A 436 -19.02 12.60 -1.81
C VAL A 436 -18.07 13.24 -0.77
N ARG A 437 -18.45 14.43 -0.25
CA ARG A 437 -17.73 15.23 0.75
C ARG A 437 -18.66 15.70 1.86
N ARG A 438 -18.13 15.79 3.10
CA ARG A 438 -18.86 16.22 4.30
C ARG A 438 -17.94 17.05 5.21
N LYS A 439 -18.45 18.21 5.68
CA LYS A 439 -17.73 19.12 6.57
C LYS A 439 -17.94 18.73 8.02
N ASN A 440 -16.83 18.67 8.78
CA ASN A 440 -16.83 18.31 10.20
C ASN A 440 -17.47 19.40 11.06
N PRO A 441 -18.33 19.05 12.04
CA PRO A 441 -18.94 20.11 12.87
C PRO A 441 -18.00 20.79 13.87
N VAL A 442 -16.86 20.14 14.20
CA VAL A 442 -15.87 20.66 15.16
C VAL A 442 -14.61 21.21 14.44
N THR A 443 -13.78 20.31 13.85
CA THR A 443 -12.53 20.68 13.16
C THR A 443 -12.75 21.42 11.83
N SER A 444 -14.00 21.37 11.30
CA SER A 444 -14.44 21.99 10.05
C SER A 444 -13.73 21.42 8.80
N THR A 445 -12.97 20.32 9.00
CA THR A 445 -12.21 19.62 7.95
C THR A 445 -13.13 18.83 7.03
N PHE A 446 -12.91 18.96 5.72
CA PHE A 446 -13.69 18.25 4.70
C PHE A 446 -12.98 16.94 4.39
N SER A 447 -13.71 15.82 4.52
CA SER A 447 -13.21 14.46 4.25
C SER A 447 -13.95 13.87 3.04
N LYS A 448 -13.26 13.10 2.20
CA LYS A 448 -13.87 12.53 1.00
C LYS A 448 -13.89 11.01 0.97
N MET A 449 -14.94 10.44 0.32
CA MET A 449 -15.15 9.00 0.12
C MET A 449 -15.94 8.72 -1.17
N SER A 450 -15.57 7.64 -1.88
CA SER A 450 -16.20 7.24 -3.15
C SER A 450 -17.10 6.01 -3.04
N LEU A 451 -18.24 6.05 -3.75
CA LEU A 451 -19.22 4.97 -3.78
C LEU A 451 -19.26 4.36 -5.18
N GLN A 452 -19.33 3.02 -5.25
CA GLN A 452 -19.37 2.29 -6.52
C GLN A 452 -20.28 1.07 -6.42
N LEU A 453 -21.28 0.98 -7.33
CA LEU A 453 -22.22 -0.15 -7.36
C LEU A 453 -21.76 -1.23 -8.34
N TYR A 454 -21.37 -2.39 -7.78
CA TYR A 454 -20.92 -3.57 -8.50
C TYR A 454 -22.05 -4.58 -8.63
N GLN A 455 -21.87 -5.58 -9.53
CA GLN A 455 -22.82 -6.65 -9.77
C GLN A 455 -22.19 -7.96 -9.27
N VAL A 456 -22.73 -8.51 -8.17
CA VAL A 456 -22.23 -9.74 -7.56
C VAL A 456 -22.68 -10.95 -8.37
N ASP A 457 -23.98 -10.99 -8.68
CA ASP A 457 -24.67 -12.05 -9.41
C ASP A 457 -25.76 -11.39 -10.26
N SER A 458 -26.52 -12.20 -11.02
CA SER A 458 -27.65 -11.77 -11.85
C SER A 458 -28.80 -11.26 -10.96
N ARG A 459 -28.91 -11.80 -9.73
CA ARG A 459 -29.95 -11.46 -8.74
C ARG A 459 -29.53 -10.40 -7.71
N THR A 460 -28.28 -10.45 -7.21
CA THR A 460 -27.79 -9.51 -6.20
C THR A 460 -26.75 -8.51 -6.73
N TYR A 461 -26.79 -7.27 -6.19
CA TYR A 461 -25.92 -6.13 -6.51
C TYR A 461 -25.34 -5.54 -5.22
N LEU A 462 -24.05 -5.12 -5.21
CA LEU A 462 -23.39 -4.57 -4.01
C LEU A 462 -22.86 -3.16 -4.17
N LEU A 463 -22.98 -2.35 -3.10
CA LEU A 463 -22.47 -0.98 -3.03
C LEU A 463 -21.15 -0.99 -2.25
N ASP A 464 -20.12 -0.36 -2.83
CA ASP A 464 -18.77 -0.29 -2.26
C ASP A 464 -18.44 1.10 -1.71
N PHE A 465 -17.77 1.12 -0.54
CA PHE A 465 -17.35 2.34 0.15
C PHE A 465 -15.82 2.37 0.17
N ARG A 466 -15.23 3.41 -0.46
CA ARG A 466 -13.78 3.58 -0.55
C ARG A 466 -13.36 4.95 -0.03
N SER A 467 -12.28 5.00 0.75
CA SER A 467 -11.72 6.23 1.32
C SER A 467 -10.88 6.99 0.31
N ILE A 468 -10.92 8.32 0.37
CA ILE A 468 -10.14 9.22 -0.48
C ILE A 468 -9.19 10.02 0.41
N ASP A 469 -7.86 9.80 0.23
CA ASP A 469 -6.82 10.47 1.02
C ASP A 469 -6.73 11.96 0.72
N ASP A 470 -6.84 12.79 1.77
CA ASP A 470 -6.83 14.26 1.70
C ASP A 470 -5.40 14.84 1.70
N GLU A 471 -5.18 15.90 0.88
CA GLU A 471 -3.91 16.64 0.71
C GLU A 471 -2.70 15.75 0.49
N ARG A 482 -2.78 17.50 14.07
CA ARG A 482 -3.53 18.73 13.80
C ARG A 482 -5.07 18.50 13.68
N PRO A 483 -5.62 17.58 12.83
CA PRO A 483 -7.09 17.46 12.76
C PRO A 483 -7.70 16.51 13.83
N GLY A 484 -8.65 15.67 13.40
CA GLY A 484 -9.31 14.66 14.22
C GLY A 484 -8.64 13.33 13.96
N SER A 485 -9.18 12.55 12.98
CA SER A 485 -8.67 11.26 12.49
C SER A 485 -9.37 10.80 11.21
N HIS A 486 -8.66 10.93 10.08
CA HIS A 486 -9.09 10.60 8.73
C HIS A 486 -9.84 9.26 8.61
N THR A 487 -9.25 8.16 9.15
CA THR A 487 -9.78 6.80 9.11
C THR A 487 -11.10 6.67 9.87
N ILE A 488 -11.18 7.13 11.13
CA ILE A 488 -12.40 7.03 11.95
C ILE A 488 -13.51 7.89 11.36
N GLU A 489 -13.17 9.10 10.86
CA GLU A 489 -14.12 10.03 10.24
C GLU A 489 -14.79 9.41 9.01
N PHE A 490 -14.04 8.56 8.27
CA PHE A 490 -14.52 7.82 7.10
C PHE A 490 -15.54 6.76 7.52
N PHE A 491 -15.30 6.06 8.65
CA PHE A 491 -16.20 5.06 9.20
C PHE A 491 -17.53 5.69 9.62
N GLU A 492 -17.48 6.91 10.21
CA GLU A 492 -18.65 7.66 10.65
C GLU A 492 -19.58 7.93 9.48
N MET A 493 -19.02 8.35 8.32
CA MET A 493 -19.75 8.62 7.08
C MET A 493 -20.52 7.40 6.62
N CYS A 494 -19.80 6.27 6.42
CA CYS A 494 -20.34 5.00 5.97
C CYS A 494 -21.44 4.47 6.88
N ALA A 495 -21.21 4.49 8.22
CA ALA A 495 -22.18 4.04 9.23
C ALA A 495 -23.52 4.74 9.10
N ASN A 496 -23.51 6.04 8.76
CA ASN A 496 -24.71 6.85 8.57
C ASN A 496 -25.55 6.31 7.40
N LEU A 497 -24.91 6.15 6.21
CA LEU A 497 -25.55 5.66 4.99
C LEU A 497 -25.96 4.17 5.04
N ILE A 498 -25.24 3.33 5.85
CA ILE A 498 -25.52 1.90 6.01
C ILE A 498 -26.82 1.68 6.83
N LYS A 499 -26.98 2.46 7.93
CA LYS A 499 -28.12 2.42 8.85
C LYS A 499 -29.44 2.67 8.13
N ILE A 500 -29.38 3.37 6.98
CA ILE A 500 -30.52 3.69 6.13
C ILE A 500 -30.29 3.13 4.71
N LEU A 501 -30.04 1.79 4.64
CA LEU A 501 -29.81 1.02 3.40
C LEU A 501 -30.10 -0.48 3.59
N ALA A 502 -30.23 -1.22 2.46
CA ALA A 502 -30.56 -2.65 2.39
C ALA A 502 -29.35 -3.60 2.46
N GLN A 503 -29.41 -4.57 3.41
CA GLN A 503 -28.43 -5.63 3.69
C GLN A 503 -27.03 -5.13 4.04
N ALA B 11 20.72 28.08 -27.26
CA ALA B 11 19.37 28.11 -27.80
C ALA B 11 18.67 26.74 -27.75
N ARG B 12 17.33 26.75 -27.87
CA ARG B 12 16.49 25.54 -27.85
C ARG B 12 16.26 25.00 -29.26
N PRO B 13 16.38 23.66 -29.47
CA PRO B 13 16.17 23.10 -30.81
C PRO B 13 14.71 23.17 -31.26
N THR B 14 14.50 23.52 -32.54
CA THR B 14 13.17 23.64 -33.13
C THR B 14 13.11 22.78 -34.38
N VAL B 15 11.97 22.08 -34.57
CA VAL B 15 11.75 21.18 -35.71
C VAL B 15 10.92 21.86 -36.79
N PHE B 16 11.41 21.78 -38.03
CA PHE B 16 10.76 22.31 -39.23
C PHE B 16 10.53 21.12 -40.15
N ARG B 17 9.29 20.60 -40.14
CA ARG B 17 8.89 19.44 -40.94
C ARG B 17 7.97 19.88 -42.07
N TRP B 18 8.21 19.35 -43.28
CA TRP B 18 7.40 19.64 -44.45
C TRP B 18 6.56 18.42 -44.83
N THR B 19 5.26 18.49 -44.51
CA THR B 19 4.30 17.44 -44.84
C THR B 19 3.75 17.83 -46.20
N GLY B 20 4.17 17.08 -47.21
CA GLY B 20 3.82 17.30 -48.60
C GLY B 20 4.95 16.82 -49.48
N GLY B 21 4.64 16.51 -50.73
CA GLY B 21 5.59 15.96 -51.70
C GLY B 21 6.70 16.91 -52.11
N GLY B 22 7.50 16.46 -53.08
CA GLY B 22 8.60 17.24 -53.63
C GLY B 22 9.90 16.49 -53.81
N LYS B 23 10.73 17.00 -54.73
CA LYS B 23 12.05 16.44 -55.01
C LYS B 23 13.06 17.17 -54.10
N GLU B 24 13.07 18.53 -54.19
CA GLU B 24 13.94 19.43 -53.44
C GLU B 24 13.14 20.40 -52.57
N VAL B 25 13.41 20.43 -51.25
CA VAL B 25 12.73 21.33 -50.29
C VAL B 25 13.77 22.06 -49.46
N TYR B 26 13.64 23.40 -49.37
CA TYR B 26 14.54 24.27 -48.62
C TYR B 26 13.77 25.16 -47.64
N LEU B 27 14.40 25.48 -46.51
CA LEU B 27 13.85 26.36 -45.49
C LEU B 27 14.62 27.68 -45.50
N SER B 28 13.89 28.80 -45.56
CA SER B 28 14.45 30.14 -45.53
C SER B 28 13.78 30.87 -44.37
N GLY B 29 14.56 31.50 -43.51
CA GLY B 29 14.03 32.18 -42.35
C GLY B 29 14.78 33.40 -41.88
N SER B 30 14.14 34.18 -41.00
CA SER B 30 14.69 35.38 -40.38
C SER B 30 15.95 35.03 -39.57
N PHE B 31 15.94 33.84 -38.96
CA PHE B 31 16.99 33.26 -38.14
C PHE B 31 18.32 32.99 -38.89
N ASN B 32 18.27 32.70 -40.21
CA ASN B 32 19.49 32.43 -40.98
C ASN B 32 19.70 33.43 -42.15
N ASN B 33 19.18 34.67 -41.97
CA ASN B 33 19.23 35.76 -42.94
C ASN B 33 18.70 35.33 -44.32
N TRP B 34 17.57 34.60 -44.29
CA TRP B 34 16.79 34.10 -45.42
C TRP B 34 17.58 33.28 -46.44
N SER B 35 18.68 32.65 -46.00
CA SER B 35 19.50 31.80 -46.85
C SER B 35 18.83 30.42 -46.95
N LYS B 36 18.71 29.85 -48.17
CA LYS B 36 18.09 28.55 -48.39
C LYS B 36 18.84 27.44 -47.66
N LEU B 37 18.13 26.70 -46.81
CA LEU B 37 18.68 25.62 -46.00
C LEU B 37 18.03 24.31 -46.46
N PRO B 38 18.79 23.36 -47.04
CA PRO B 38 18.15 22.12 -47.51
C PRO B 38 17.66 21.20 -46.41
N LEU B 39 16.43 20.69 -46.58
CA LEU B 39 15.78 19.78 -45.64
C LEU B 39 16.05 18.34 -46.06
N THR B 40 16.33 17.47 -45.08
CA THR B 40 16.61 16.06 -45.32
C THR B 40 15.30 15.29 -45.41
N ARG B 41 15.20 14.34 -46.36
CA ARG B 41 14.01 13.51 -46.48
C ARG B 41 14.30 12.06 -46.04
N ASP B 42 13.39 11.52 -45.22
CA ASP B 42 13.48 10.16 -44.70
C ASP B 42 12.78 9.21 -45.67
N HIS B 43 11.44 9.10 -45.53
CA HIS B 43 10.56 8.28 -46.36
C HIS B 43 9.99 9.19 -47.46
N ASN B 44 9.11 10.13 -47.08
CA ASN B 44 8.44 11.09 -47.94
C ASN B 44 8.50 12.49 -47.36
N ASN B 45 8.65 12.61 -46.02
CA ASN B 45 8.69 13.91 -45.33
C ASN B 45 10.11 14.48 -45.19
N PHE B 46 10.20 15.82 -45.18
CA PHE B 46 11.43 16.62 -45.13
C PHE B 46 11.56 17.36 -43.80
N VAL B 47 12.75 17.31 -43.16
CA VAL B 47 13.02 17.97 -41.86
C VAL B 47 14.33 18.74 -41.75
N ALA B 48 14.43 19.51 -40.65
CA ALA B 48 15.60 20.27 -40.23
C ALA B 48 15.41 20.64 -38.76
N ILE B 49 16.29 20.14 -37.89
CA ILE B 49 16.24 20.48 -36.47
C ILE B 49 17.39 21.46 -36.27
N LEU B 50 17.03 22.72 -36.06
CA LEU B 50 17.99 23.81 -35.84
C LEU B 50 17.53 24.58 -34.61
N ASP B 51 18.47 25.17 -33.85
CA ASP B 51 18.09 25.88 -32.64
C ASP B 51 17.81 27.37 -32.88
N LEU B 52 16.80 27.89 -32.18
CA LEU B 52 16.37 29.29 -32.29
C LEU B 52 16.33 29.99 -30.93
N PRO B 53 16.70 31.29 -30.87
CA PRO B 53 16.58 32.01 -29.59
C PRO B 53 15.11 32.27 -29.26
N GLU B 54 14.72 32.13 -27.97
CA GLU B 54 13.34 32.34 -27.52
C GLU B 54 12.82 33.72 -27.96
N GLY B 55 11.90 33.71 -28.91
CA GLY B 55 11.31 34.92 -29.48
C GLY B 55 10.52 34.69 -30.76
N GLU B 56 10.33 35.77 -31.54
CA GLU B 56 9.57 35.74 -32.79
C GLU B 56 10.49 35.48 -33.98
N HIS B 57 10.08 34.54 -34.86
CA HIS B 57 10.82 34.16 -36.08
C HIS B 57 9.87 33.90 -37.25
N GLN B 58 10.24 34.41 -38.42
CA GLN B 58 9.48 34.26 -39.66
C GLN B 58 10.21 33.35 -40.62
N TYR B 59 9.49 32.39 -41.20
CA TYR B 59 10.07 31.44 -42.15
C TYR B 59 9.19 31.20 -43.37
N LYS B 60 9.77 30.57 -44.40
CA LYS B 60 9.14 30.23 -45.67
C LYS B 60 9.83 29.00 -46.23
N PHE B 61 9.20 28.31 -47.19
CA PHE B 61 9.74 27.11 -47.81
C PHE B 61 9.92 27.30 -49.31
N PHE B 62 10.95 26.67 -49.87
CA PHE B 62 11.19 26.67 -51.31
C PHE B 62 11.03 25.24 -51.79
N VAL B 63 9.79 24.91 -52.19
CA VAL B 63 9.44 23.56 -52.61
C VAL B 63 9.46 23.48 -54.13
N ASP B 64 10.48 22.77 -54.67
CA ASP B 64 10.68 22.53 -56.10
C ASP B 64 10.52 23.80 -56.97
N GLY B 65 11.31 24.83 -56.66
CA GLY B 65 11.31 26.09 -57.41
C GLY B 65 10.15 27.03 -57.13
N GLN B 66 9.40 26.79 -56.05
CA GLN B 66 8.26 27.62 -55.66
C GLN B 66 8.32 28.00 -54.19
N TRP B 67 8.17 29.30 -53.91
CA TRP B 67 8.16 29.83 -52.56
C TRP B 67 6.76 29.67 -51.97
N THR B 68 6.63 28.84 -50.91
CA THR B 68 5.36 28.56 -50.25
C THR B 68 5.48 28.57 -48.74
N HIS B 69 4.36 28.77 -48.06
CA HIS B 69 4.26 28.73 -46.62
C HIS B 69 3.38 27.54 -46.28
N ASP B 70 3.66 26.86 -45.15
CA ASP B 70 2.86 25.74 -44.65
C ASP B 70 1.54 26.35 -44.10
N PRO B 71 0.38 26.11 -44.77
CA PRO B 71 -0.87 26.75 -44.32
C PRO B 71 -1.41 26.21 -43.01
N SER B 72 -0.96 24.98 -42.61
CA SER B 72 -1.36 24.36 -41.35
C SER B 72 -0.77 25.14 -40.17
N GLU B 73 0.46 25.68 -40.36
CA GLU B 73 1.17 26.50 -39.39
C GLU B 73 0.72 27.96 -39.43
N PRO B 74 0.87 28.75 -38.32
CA PRO B 74 0.41 30.16 -38.37
C PRO B 74 1.20 31.05 -39.33
N ILE B 75 0.50 32.00 -39.95
CA ILE B 75 1.07 32.93 -40.92
C ILE B 75 0.98 34.38 -40.45
N VAL B 76 1.62 35.28 -41.21
CA VAL B 76 1.65 36.73 -41.00
C VAL B 76 1.86 37.42 -42.35
N THR B 77 0.89 38.27 -42.72
CA THR B 77 0.97 38.99 -43.98
C THR B 77 1.63 40.35 -43.73
N SER B 78 2.68 40.66 -44.51
CA SER B 78 3.43 41.91 -44.39
C SER B 78 2.62 43.08 -44.94
N GLN B 79 3.11 44.30 -44.68
CA GLN B 79 2.57 45.58 -45.14
C GLN B 79 2.71 45.60 -46.67
N LEU B 80 3.78 44.96 -47.17
CA LEU B 80 4.18 44.80 -48.58
C LEU B 80 3.51 43.58 -49.26
N GLY B 81 2.71 42.84 -48.50
CA GLY B 81 1.97 41.67 -48.97
C GLY B 81 2.80 40.40 -49.09
N THR B 82 3.62 40.12 -48.07
CA THR B 82 4.50 38.95 -48.00
C THR B 82 3.92 37.95 -46.99
N VAL B 83 3.31 36.86 -47.49
CA VAL B 83 2.73 35.84 -46.61
C VAL B 83 3.81 34.85 -46.14
N ASN B 84 4.28 35.02 -44.89
CA ASN B 84 5.32 34.17 -44.29
C ASN B 84 4.79 33.42 -43.07
N ASN B 85 5.33 32.21 -42.82
CA ASN B 85 5.00 31.41 -41.65
C ASN B 85 5.65 32.04 -40.43
N ILE B 86 4.98 31.97 -39.29
CA ILE B 86 5.49 32.54 -38.05
C ILE B 86 5.63 31.45 -36.97
N ILE B 87 6.67 31.58 -36.12
CA ILE B 87 6.90 30.67 -35.01
C ILE B 87 7.25 31.47 -33.75
N GLN B 88 6.49 31.22 -32.68
CA GLN B 88 6.70 31.87 -31.40
C GLN B 88 7.30 30.83 -30.46
N VAL B 89 8.65 30.78 -30.41
CA VAL B 89 9.36 29.83 -29.58
C VAL B 89 9.32 30.33 -28.11
N LYS B 90 8.42 29.70 -27.33
CA LYS B 90 8.13 29.98 -25.91
C LYS B 90 9.15 29.28 -25.01
N LYS B 91 9.34 29.82 -23.78
CA LYS B 91 10.26 29.26 -22.78
C LYS B 91 9.80 27.87 -22.33
N THR B 92 8.47 27.68 -22.22
CA THR B 92 7.81 26.43 -21.81
C THR B 92 8.06 25.27 -22.79
N ASP B 93 8.27 25.59 -24.08
CA ASP B 93 8.52 24.63 -25.16
C ASP B 93 9.85 23.87 -25.02
N PHE B 94 10.79 24.37 -24.18
CA PHE B 94 12.11 23.77 -23.95
C PHE B 94 12.12 22.71 -22.81
N GLU B 95 11.36 22.94 -21.72
CA GLU B 95 11.27 22.01 -20.57
C GLU B 95 10.05 21.09 -20.74
N VAL B 96 10.31 19.77 -20.67
CA VAL B 96 9.36 18.66 -20.90
C VAL B 96 8.08 18.74 -20.08
N PHE B 97 8.20 18.85 -18.75
CA PHE B 97 7.03 18.88 -17.87
C PHE B 97 6.30 20.21 -17.92
N ASP B 98 6.98 21.28 -18.38
CA ASP B 98 6.37 22.61 -18.55
C ASP B 98 5.52 22.59 -19.82
N ALA B 99 6.04 21.95 -20.90
CA ALA B 99 5.38 21.80 -22.19
C ALA B 99 4.17 20.87 -22.13
N LEU B 100 4.25 19.82 -21.29
CA LEU B 100 3.15 18.86 -21.11
C LEU B 100 2.03 19.47 -20.25
N MET B 101 2.39 20.41 -19.35
CA MET B 101 1.46 21.12 -18.47
C MET B 101 0.62 22.10 -19.29
N VAL B 102 1.26 22.85 -20.21
CA VAL B 102 0.60 23.83 -21.07
C VAL B 102 -0.28 23.14 -22.14
N ASP B 103 0.08 21.88 -22.53
CA ASP B 103 -0.69 21.09 -23.49
C ASP B 103 -2.00 20.58 -22.87
N SER B 104 -1.98 20.23 -21.56
CA SER B 104 -3.13 19.76 -20.80
C SER B 104 -4.14 20.91 -20.64
N GLN B 105 -3.63 22.14 -20.43
CA GLN B 105 -4.38 23.39 -20.29
C GLN B 105 -4.98 23.79 -21.64
N LYS B 106 -4.26 23.51 -22.76
CA LYS B 106 -4.68 23.79 -24.14
C LYS B 106 -5.88 22.93 -24.55
N CYS B 107 -6.00 21.71 -23.98
CA CYS B 107 -7.10 20.77 -24.21
C CYS B 107 -8.34 21.20 -23.42
N SER B 108 -9.13 22.13 -24.02
CA SER B 108 -10.36 22.69 -23.45
C SER B 108 -11.36 23.04 -24.55
N LYS B 135 -25.55 2.00 -19.70
CA LYS B 135 -24.46 1.26 -19.06
C LYS B 135 -24.97 0.30 -17.99
N ALA B 136 -24.27 -0.83 -17.83
CA ALA B 136 -24.56 -1.88 -16.85
C ALA B 136 -23.60 -1.76 -15.64
N PRO B 137 -24.00 -2.20 -14.40
CA PRO B 137 -23.07 -2.08 -13.27
C PRO B 137 -21.81 -2.94 -13.42
N PRO B 138 -20.59 -2.41 -13.11
CA PRO B 138 -19.37 -3.22 -13.26
C PRO B 138 -19.41 -4.52 -12.46
N ILE B 139 -18.89 -5.62 -13.03
CA ILE B 139 -18.88 -6.93 -12.36
C ILE B 139 -17.82 -6.89 -11.24
N LEU B 140 -18.24 -7.24 -10.01
CA LEU B 140 -17.42 -7.23 -8.81
C LEU B 140 -16.12 -8.03 -8.95
N PRO B 141 -14.94 -7.36 -8.77
CA PRO B 141 -13.67 -8.08 -8.85
C PRO B 141 -13.51 -9.04 -7.67
N PRO B 142 -12.97 -10.26 -7.89
CA PRO B 142 -12.86 -11.23 -6.78
C PRO B 142 -11.87 -10.85 -5.68
N HIS B 143 -10.97 -9.89 -5.98
CA HIS B 143 -9.94 -9.37 -5.09
C HIS B 143 -10.53 -8.73 -3.84
N LEU B 144 -11.66 -8.01 -4.00
CA LEU B 144 -12.37 -7.33 -2.92
C LEU B 144 -13.04 -8.29 -1.94
N LEU B 145 -13.37 -9.51 -2.40
CA LEU B 145 -13.99 -10.55 -1.59
C LEU B 145 -12.96 -11.18 -0.64
N GLN B 146 -11.66 -11.07 -0.98
CA GLN B 146 -10.55 -11.58 -0.17
C GLN B 146 -10.27 -10.63 0.99
N VAL B 147 -10.30 -11.15 2.22
CA VAL B 147 -10.06 -10.40 3.45
C VAL B 147 -8.77 -10.87 4.16
N ILE B 148 -8.21 -10.00 5.04
CA ILE B 148 -7.02 -10.31 5.83
C ILE B 148 -7.43 -10.59 7.30
N LEU B 149 -8.70 -10.29 7.62
CA LEU B 149 -9.32 -10.44 8.95
C LEU B 149 -9.79 -11.86 9.26
N ASN B 150 -10.33 -12.59 8.25
CA ASN B 150 -10.81 -13.96 8.39
C ASN B 150 -9.66 -14.97 8.21
N LYS B 151 -8.95 -14.90 7.05
CA LYS B 151 -7.83 -15.77 6.69
C LYS B 151 -6.59 -15.47 7.55
N CYS B 157 0.24 -17.84 17.36
CA CYS B 157 0.11 -16.66 16.51
C CYS B 157 -0.52 -15.48 17.24
N ASP B 158 -0.19 -14.24 16.82
CA ASP B 158 -0.70 -13.01 17.42
C ASP B 158 -2.02 -12.54 16.77
N PRO B 159 -3.08 -12.26 17.57
CA PRO B 159 -4.36 -11.79 16.98
C PRO B 159 -4.23 -10.40 16.35
N ALA B 160 -3.31 -9.58 16.90
CA ALA B 160 -3.00 -8.23 16.42
C ALA B 160 -2.30 -8.30 15.06
N LEU B 161 -1.38 -9.28 14.88
CA LEU B 161 -0.64 -9.46 13.63
C LEU B 161 -1.54 -10.01 12.53
N LEU B 162 -1.55 -9.33 11.37
CA LEU B 162 -2.36 -9.66 10.19
C LEU B 162 -1.49 -9.82 8.93
N PRO B 163 -1.96 -10.56 7.88
CA PRO B 163 -1.13 -10.67 6.66
C PRO B 163 -1.13 -9.40 5.83
N GLU B 164 -0.07 -9.20 5.02
CA GLU B 164 0.08 -8.03 4.13
C GLU B 164 -1.07 -8.05 3.10
N PRO B 165 -1.88 -6.97 2.98
CA PRO B 165 -3.02 -6.99 2.04
C PRO B 165 -2.66 -6.58 0.62
N ASN B 166 -3.51 -6.95 -0.36
CA ASN B 166 -3.31 -6.55 -1.75
C ASN B 166 -3.65 -5.07 -1.86
N HIS B 167 -2.77 -4.27 -2.49
CA HIS B 167 -2.92 -2.82 -2.67
C HIS B 167 -4.34 -2.36 -3.04
N VAL B 168 -5.07 -3.23 -3.75
CA VAL B 168 -6.40 -3.01 -4.28
C VAL B 168 -7.52 -3.03 -3.22
N MET B 169 -7.32 -3.74 -2.08
CA MET B 169 -8.35 -3.83 -1.03
C MET B 169 -8.20 -2.75 0.06
N LEU B 170 -7.16 -1.91 -0.06
CA LEU B 170 -6.89 -0.82 0.88
C LEU B 170 -7.94 0.29 0.74
N ASN B 171 -8.21 1.00 1.84
CA ASN B 171 -9.17 2.12 1.95
C ASN B 171 -10.64 1.68 1.71
N HIS B 172 -10.88 0.38 1.46
CA HIS B 172 -12.21 -0.20 1.27
C HIS B 172 -12.86 -0.54 2.59
N LEU B 173 -14.16 -0.21 2.72
CA LEU B 173 -14.92 -0.47 3.94
C LEU B 173 -15.60 -1.81 3.94
N TYR B 174 -15.33 -2.57 5.01
CA TYR B 174 -15.90 -3.86 5.32
C TYR B 174 -16.66 -3.69 6.64
N ALA B 175 -17.72 -4.47 6.84
CA ALA B 175 -18.54 -4.39 8.05
C ALA B 175 -19.00 -5.77 8.52
N LEU B 176 -19.52 -5.83 9.75
CA LEU B 176 -20.04 -7.05 10.36
C LEU B 176 -21.55 -6.93 10.56
N SER B 177 -22.26 -8.06 10.44
CA SER B 177 -23.71 -8.16 10.64
C SER B 177 -24.07 -7.66 12.05
N ILE B 178 -24.98 -6.66 12.13
CA ILE B 178 -25.38 -6.01 13.38
C ILE B 178 -26.03 -6.99 14.38
N LYS B 179 -25.26 -7.38 15.41
CA LYS B 179 -25.65 -8.26 16.51
C LYS B 179 -25.54 -7.47 17.81
N ASP B 180 -26.57 -7.58 18.68
CA ASP B 180 -26.67 -6.87 19.97
C ASP B 180 -26.88 -5.34 19.77
N GLY B 181 -27.39 -4.96 18.60
CA GLY B 181 -27.66 -3.57 18.24
C GLY B 181 -26.44 -2.68 18.11
N VAL B 182 -25.28 -3.27 17.79
CA VAL B 182 -24.03 -2.54 17.62
C VAL B 182 -23.33 -2.93 16.30
N MET B 183 -22.94 -1.91 15.52
CA MET B 183 -22.27 -2.06 14.23
C MET B 183 -20.76 -2.09 14.38
N VAL B 184 -20.10 -2.99 13.63
CA VAL B 184 -18.65 -3.14 13.61
C VAL B 184 -18.14 -2.84 12.20
N LEU B 185 -17.25 -1.85 12.05
CA LEU B 185 -16.69 -1.45 10.77
C LEU B 185 -15.18 -1.70 10.74
N SER B 186 -14.63 -1.99 9.55
CA SER B 186 -13.20 -2.25 9.37
C SER B 186 -12.71 -1.79 8.01
N ALA B 187 -11.43 -1.33 7.97
CA ALA B 187 -10.73 -0.88 6.77
C ALA B 187 -9.23 -0.89 6.99
N THR B 188 -8.46 -1.23 5.93
CA THR B 188 -7.00 -1.26 5.98
C THR B 188 -6.44 -0.06 5.24
N HIS B 189 -5.63 0.73 5.95
CA HIS B 189 -4.99 1.93 5.42
C HIS B 189 -3.48 1.76 5.56
N ARG B 190 -2.71 2.26 4.60
CA ARG B 190 -1.26 2.15 4.71
C ARG B 190 -0.62 3.47 5.10
N TYR B 191 0.23 3.42 6.13
CA TYR B 191 1.00 4.56 6.61
C TYR B 191 2.45 4.24 6.27
N LYS B 192 3.05 5.04 5.36
CA LYS B 192 4.42 4.85 4.88
C LYS B 192 4.57 3.43 4.27
N LYS B 193 5.33 2.52 4.90
CA LYS B 193 5.53 1.15 4.42
C LYS B 193 4.89 0.06 5.33
N LYS B 194 4.01 0.49 6.27
CA LYS B 194 3.31 -0.39 7.21
C LYS B 194 1.78 -0.23 7.04
N TYR B 195 1.02 -1.31 7.30
CA TYR B 195 -0.44 -1.32 7.17
C TYR B 195 -1.16 -1.35 8.52
N VAL B 196 -2.28 -0.59 8.64
CA VAL B 196 -3.07 -0.51 9.87
C VAL B 196 -4.56 -0.78 9.61
N THR B 197 -5.05 -1.92 10.12
CA THR B 197 -6.46 -2.30 10.00
C THR B 197 -7.19 -1.85 11.28
N THR B 198 -8.04 -0.82 11.16
CA THR B 198 -8.77 -0.25 12.29
C THR B 198 -10.20 -0.78 12.39
N LEU B 199 -10.58 -1.21 13.60
CA LEU B 199 -11.91 -1.73 13.92
C LEU B 199 -12.68 -0.71 14.75
N LEU B 200 -13.89 -0.33 14.32
CA LEU B 200 -14.69 0.62 15.07
C LEU B 200 -15.99 0.02 15.58
N TYR B 201 -16.13 -0.03 16.91
CA TYR B 201 -17.32 -0.52 17.58
C TYR B 201 -18.21 0.69 17.86
N LYS B 202 -19.24 0.87 17.01
CA LYS B 202 -20.17 1.99 17.10
C LYS B 202 -21.61 1.53 17.30
N PRO B 203 -22.31 1.99 18.35
CA PRO B 203 -23.71 1.57 18.52
C PRO B 203 -24.65 2.30 17.56
N ILE B 204 -25.74 1.62 17.15
CA ILE B 204 -26.74 2.18 16.22
C ILE B 204 -28.16 1.91 16.74
N SER C 26 25.83 6.93 29.61
CA SER C 26 24.99 5.79 29.21
C SER C 26 25.06 5.55 27.70
N VAL C 27 25.11 4.27 27.29
CA VAL C 27 25.19 3.82 25.89
C VAL C 27 23.80 3.50 25.31
N TYR C 28 22.95 2.79 26.07
CA TYR C 28 21.59 2.40 25.65
C TYR C 28 20.64 3.59 25.49
N THR C 29 20.85 4.66 26.30
CA THR C 29 20.04 5.89 26.29
C THR C 29 20.19 6.64 24.95
N THR C 30 21.41 6.66 24.40
CA THR C 30 21.72 7.30 23.11
C THR C 30 21.15 6.50 21.93
N PHE C 31 21.00 5.16 22.09
CA PHE C 31 20.43 4.26 21.09
C PHE C 31 18.93 4.53 20.94
N MET C 32 18.24 4.74 22.08
CA MET C 32 16.79 4.99 22.14
C MET C 32 16.42 6.35 21.53
N LYS C 33 17.29 7.37 21.72
CA LYS C 33 17.09 8.71 21.19
C LYS C 33 17.28 8.79 19.65
N SER C 34 17.91 7.76 19.04
CA SER C 34 18.17 7.71 17.60
C SER C 34 17.01 7.07 16.82
N HIS C 35 16.55 5.87 17.24
CA HIS C 35 15.47 5.12 16.59
C HIS C 35 14.10 5.75 16.83
N ARG C 36 13.30 5.88 15.75
CA ARG C 36 11.95 6.44 15.77
C ARG C 36 10.90 5.36 16.11
N CYS C 37 9.74 5.77 16.65
CA CYS C 37 8.63 4.89 17.04
C CYS C 37 8.12 4.03 15.89
N TYR C 38 8.15 4.57 14.66
CA TYR C 38 7.73 3.93 13.42
C TYR C 38 8.42 2.58 13.18
N ASP C 39 9.73 2.47 13.53
CA ASP C 39 10.53 1.27 13.37
C ASP C 39 10.04 0.08 14.21
N LEU C 40 9.28 0.36 15.30
CA LEU C 40 8.71 -0.65 16.18
C LEU C 40 7.34 -1.15 15.71
N ILE C 41 6.65 -0.36 14.85
CA ILE C 41 5.34 -0.70 14.29
C ILE C 41 5.46 -1.93 13.36
N PRO C 42 4.68 -3.02 13.59
CA PRO C 42 4.77 -4.19 12.70
C PRO C 42 4.21 -3.95 11.31
N THR C 43 4.77 -4.66 10.32
CA THR C 43 4.50 -4.63 8.87
C THR C 43 2.98 -4.46 8.55
N SER C 44 2.10 -5.15 9.32
CA SER C 44 0.65 -5.09 9.20
C SER C 44 0.03 -5.50 10.54
N SER C 45 -0.78 -4.62 11.13
CA SER C 45 -1.39 -4.87 12.43
C SER C 45 -2.89 -4.54 12.50
N LYS C 46 -3.50 -4.88 13.66
CA LYS C 46 -4.91 -4.66 14.00
C LYS C 46 -4.95 -3.57 15.07
N LEU C 47 -6.06 -2.80 15.09
CA LEU C 47 -6.26 -1.74 16.07
C LEU C 47 -7.75 -1.57 16.34
N VAL C 48 -8.18 -1.92 17.57
CA VAL C 48 -9.60 -1.81 17.95
C VAL C 48 -9.84 -0.47 18.64
N VAL C 49 -10.81 0.29 18.13
CA VAL C 49 -11.20 1.61 18.64
C VAL C 49 -12.66 1.55 19.03
N PHE C 50 -12.96 1.95 20.28
CA PHE C 50 -14.32 1.96 20.80
C PHE C 50 -14.89 3.37 20.83
N ASP C 51 -16.17 3.50 20.50
CA ASP C 51 -16.89 4.77 20.59
C ASP C 51 -17.24 4.91 22.08
N THR C 52 -17.16 6.13 22.63
CA THR C 52 -17.48 6.37 24.05
C THR C 52 -18.94 6.03 24.38
N SER C 53 -19.84 6.07 23.39
CA SER C 53 -21.26 5.76 23.54
C SER C 53 -21.54 4.25 23.62
N LEU C 54 -20.53 3.41 23.32
CA LEU C 54 -20.63 1.95 23.36
C LEU C 54 -20.79 1.44 24.80
N GLN C 55 -21.68 0.44 25.00
CA GLN C 55 -21.91 -0.20 26.29
C GLN C 55 -20.60 -0.84 26.77
N VAL C 56 -20.19 -0.50 28.00
CA VAL C 56 -18.93 -0.89 28.63
C VAL C 56 -18.73 -2.43 28.71
N LYS C 57 -19.82 -3.22 28.93
CA LYS C 57 -19.74 -4.68 29.00
C LYS C 57 -19.37 -5.25 27.62
N LYS C 58 -19.98 -4.69 26.54
CA LYS C 58 -19.74 -5.05 25.14
C LYS C 58 -18.30 -4.68 24.76
N ALA C 59 -17.78 -3.59 25.36
CA ALA C 59 -16.42 -3.09 25.15
C ALA C 59 -15.37 -4.06 25.67
N PHE C 60 -15.59 -4.64 26.87
CA PHE C 60 -14.64 -5.60 27.43
C PHE C 60 -14.70 -6.94 26.70
N PHE C 61 -15.91 -7.34 26.27
CA PHE C 61 -16.13 -8.58 25.52
C PHE C 61 -15.44 -8.48 24.16
N ALA C 62 -15.37 -7.26 23.60
CA ALA C 62 -14.70 -6.96 22.33
C ALA C 62 -13.18 -7.05 22.48
N LEU C 63 -12.63 -6.63 23.64
CA LEU C 63 -11.19 -6.72 23.94
C LEU C 63 -10.76 -8.19 23.96
N VAL C 64 -11.64 -9.06 24.47
CA VAL C 64 -11.42 -10.50 24.56
C VAL C 64 -11.50 -11.15 23.16
N THR C 65 -12.65 -10.99 22.47
CA THR C 65 -12.93 -11.56 21.15
C THR C 65 -11.90 -11.18 20.11
N ASN C 66 -11.46 -9.90 20.10
CA ASN C 66 -10.44 -9.41 19.16
C ASN C 66 -9.02 -9.77 19.61
N GLY C 67 -8.84 -10.01 20.91
CA GLY C 67 -7.57 -10.39 21.49
C GLY C 67 -6.60 -9.24 21.65
N VAL C 68 -7.09 -8.09 22.11
CA VAL C 68 -6.29 -6.90 22.37
C VAL C 68 -6.42 -6.48 23.84
N ARG C 69 -5.31 -6.09 24.48
CA ARG C 69 -5.33 -5.72 25.91
C ARG C 69 -5.79 -4.28 26.17
N ALA C 70 -5.75 -3.39 25.14
CA ALA C 70 -6.17 -1.99 25.27
C ALA C 70 -6.69 -1.41 23.95
N ALA C 71 -7.63 -0.45 24.04
CA ALA C 71 -8.24 0.16 22.86
C ALA C 71 -8.44 1.68 23.00
N PRO C 72 -8.08 2.50 21.98
CA PRO C 72 -8.30 3.95 22.09
C PRO C 72 -9.78 4.28 22.03
N LEU C 73 -10.19 5.33 22.75
CA LEU C 73 -11.59 5.72 22.84
C LEU C 73 -11.91 6.96 22.02
N TRP C 74 -12.83 6.78 21.06
CA TRP C 74 -13.27 7.82 20.15
C TRP C 74 -14.54 8.52 20.65
N ASP C 75 -14.44 9.83 20.90
CA ASP C 75 -15.59 10.63 21.30
C ASP C 75 -16.15 11.19 19.99
N SER C 76 -17.36 10.75 19.61
CA SER C 76 -18.00 11.19 18.37
C SER C 76 -18.39 12.66 18.40
N LYS C 77 -18.73 13.19 19.59
CA LYS C 77 -19.11 14.59 19.78
C LYS C 77 -17.89 15.52 19.77
N LYS C 78 -16.80 15.10 20.46
CA LYS C 78 -15.55 15.87 20.54
C LYS C 78 -14.68 15.70 19.28
N GLN C 79 -14.88 14.59 18.54
CA GLN C 79 -14.15 14.21 17.32
C GLN C 79 -12.64 14.13 17.54
N SER C 80 -12.26 13.42 18.63
CA SER C 80 -10.87 13.19 19.08
C SER C 80 -10.76 11.98 20.00
N PHE C 81 -9.57 11.37 20.07
CA PHE C 81 -9.31 10.25 20.96
C PHE C 81 -9.14 10.79 22.37
N VAL C 82 -10.15 10.54 23.22
CA VAL C 82 -10.17 11.05 24.60
C VAL C 82 -9.27 10.22 25.55
N GLY C 83 -9.27 8.89 25.39
CA GLY C 83 -8.47 8.02 26.24
C GLY C 83 -8.26 6.61 25.73
N MET C 84 -8.04 5.68 26.67
CA MET C 84 -7.80 4.26 26.43
C MET C 84 -8.62 3.42 27.40
N LEU C 85 -9.13 2.29 26.92
CA LEU C 85 -9.88 1.35 27.75
C LEU C 85 -9.02 0.09 27.93
N THR C 86 -8.55 -0.13 29.16
CA THR C 86 -7.71 -1.28 29.49
C THR C 86 -8.39 -2.21 30.53
N ILE C 87 -7.66 -3.23 31.01
CA ILE C 87 -8.16 -4.19 31.99
C ILE C 87 -8.35 -3.49 33.33
N THR C 88 -7.53 -2.44 33.61
CA THR C 88 -7.60 -1.63 34.83
C THR C 88 -9.02 -1.06 35.00
N ASP C 89 -9.68 -0.70 33.88
CA ASP C 89 -11.05 -0.20 33.84
C ASP C 89 -12.00 -1.29 34.37
N PHE C 90 -11.85 -2.54 33.87
CA PHE C 90 -12.63 -3.70 34.27
C PHE C 90 -12.39 -4.04 35.74
N ILE C 91 -11.12 -3.96 36.19
CA ILE C 91 -10.71 -4.20 37.58
C ILE C 91 -11.37 -3.16 38.47
N ASN C 92 -11.40 -1.88 38.01
CA ASN C 92 -12.00 -0.75 38.71
C ASN C 92 -13.52 -0.85 38.80
N ILE C 93 -14.22 -1.16 37.68
CA ILE C 93 -15.68 -1.31 37.65
C ILE C 93 -16.09 -2.49 38.55
N LEU C 94 -15.40 -3.63 38.39
CA LEU C 94 -15.63 -4.85 39.16
C LEU C 94 -15.56 -4.63 40.67
N HIS C 95 -14.48 -3.98 41.14
CA HIS C 95 -14.29 -3.71 42.58
C HIS C 95 -15.22 -2.61 43.12
N ARG C 96 -15.39 -1.50 42.37
CA ARG C 96 -16.24 -0.37 42.78
C ARG C 96 -17.73 -0.73 42.85
N TYR C 97 -18.19 -1.70 42.05
CA TYR C 97 -19.61 -2.01 41.96
C TYR C 97 -20.06 -3.45 42.28
N TYR C 98 -19.19 -4.31 42.82
CA TYR C 98 -19.59 -5.69 43.15
C TYR C 98 -20.29 -5.74 44.49
N LYS C 99 -21.51 -6.31 44.52
CA LYS C 99 -22.29 -6.46 45.77
C LYS C 99 -22.15 -7.90 46.29
N SER C 100 -22.50 -8.91 45.48
CA SER C 100 -22.37 -10.35 45.81
C SER C 100 -22.61 -11.20 44.56
N ALA C 101 -22.38 -12.53 44.66
CA ALA C 101 -22.62 -13.47 43.57
C ALA C 101 -24.13 -13.68 43.37
N LEU C 102 -24.94 -13.42 44.42
CA LEU C 102 -26.40 -13.55 44.43
C LEU C 102 -27.12 -12.44 43.66
N VAL C 103 -26.45 -11.30 43.44
CA VAL C 103 -27.03 -10.14 42.73
C VAL C 103 -26.07 -9.65 41.63
N GLN C 104 -26.64 -9.42 40.43
CA GLN C 104 -25.91 -8.97 39.24
C GLN C 104 -25.32 -7.57 39.38
N ILE C 105 -24.17 -7.33 38.71
CA ILE C 105 -23.48 -6.03 38.69
C ILE C 105 -24.21 -5.20 37.62
N TYR C 106 -25.41 -4.65 37.98
CA TYR C 106 -26.28 -3.86 37.10
C TYR C 106 -25.50 -2.73 36.42
N GLU C 107 -24.65 -2.04 37.19
CA GLU C 107 -23.78 -0.93 36.79
C GLU C 107 -22.82 -1.33 35.66
N LEU C 108 -22.32 -2.57 35.64
CA LEU C 108 -21.43 -3.06 34.58
C LEU C 108 -22.27 -3.46 33.37
N GLU C 109 -23.42 -4.13 33.61
CA GLU C 109 -24.35 -4.61 32.59
C GLU C 109 -24.91 -3.46 31.76
N GLU C 110 -25.33 -2.37 32.42
CA GLU C 110 -25.92 -1.19 31.78
C GLU C 110 -25.16 0.11 32.09
N HIS C 111 -24.11 0.40 31.29
CA HIS C 111 -23.27 1.60 31.39
C HIS C 111 -22.54 1.80 30.08
N LYS C 112 -22.45 3.07 29.63
CA LYS C 112 -21.68 3.44 28.43
C LYS C 112 -20.24 3.68 28.91
N ILE C 113 -19.28 3.81 27.97
CA ILE C 113 -17.87 4.05 28.33
C ILE C 113 -17.70 5.47 28.91
N GLU C 114 -18.34 6.47 28.25
CA GLU C 114 -18.32 7.88 28.65
C GLU C 114 -18.93 8.09 30.04
N THR C 115 -20.03 7.34 30.35
CA THR C 115 -20.72 7.42 31.64
C THR C 115 -19.80 7.02 32.79
N TRP C 116 -19.08 5.88 32.64
CA TRP C 116 -18.14 5.43 33.67
C TRP C 116 -16.86 6.27 33.70
N ARG C 117 -16.37 6.71 32.53
CA ARG C 117 -15.15 7.54 32.43
C ARG C 117 -15.32 8.88 33.16
N GLU C 118 -16.56 9.43 33.16
CA GLU C 118 -16.93 10.68 33.83
C GLU C 118 -17.05 10.51 35.35
N VAL C 119 -17.20 9.25 35.81
CA VAL C 119 -17.32 8.85 37.23
C VAL C 119 -15.91 8.57 37.80
N TYR C 120 -15.11 7.77 37.08
CA TYR C 120 -13.75 7.37 37.42
C TYR C 120 -12.78 8.54 37.41
N LEU C 121 -12.80 9.35 36.33
CA LEU C 121 -11.94 10.53 36.18
C LEU C 121 -12.68 11.84 36.52
N GLN C 122 -13.60 11.77 37.51
CA GLN C 122 -14.40 12.90 37.98
C GLN C 122 -13.53 13.96 38.65
N ASP C 123 -12.86 13.60 39.78
CA ASP C 123 -11.97 14.50 40.51
C ASP C 123 -10.64 14.65 39.78
N SER C 124 -9.91 13.54 39.57
CA SER C 124 -8.64 13.53 38.87
C SER C 124 -8.86 13.34 37.36
N PHE C 125 -8.78 14.43 36.58
CA PHE C 125 -8.98 14.43 35.13
C PHE C 125 -7.64 14.33 34.36
N LYS C 126 -7.32 13.12 33.85
CA LYS C 126 -6.09 12.83 33.11
C LYS C 126 -6.35 12.71 31.59
N PRO C 127 -5.81 13.64 30.76
CA PRO C 127 -6.04 13.56 29.31
C PRO C 127 -5.27 12.44 28.59
N LEU C 128 -5.43 12.34 27.25
CA LEU C 128 -4.78 11.33 26.41
C LEU C 128 -3.27 11.54 26.29
N VAL C 129 -2.52 10.48 26.62
CA VAL C 129 -1.07 10.45 26.54
C VAL C 129 -0.76 9.71 25.22
N CYS C 130 -0.16 10.40 24.25
CA CYS C 130 0.15 9.82 22.95
C CYS C 130 1.49 10.26 22.39
N ILE C 131 2.10 9.42 21.54
CA ILE C 131 3.38 9.66 20.89
C ILE C 131 3.24 9.68 19.37
N SER C 132 4.16 10.38 18.68
CA SER C 132 4.21 10.49 17.23
C SER C 132 5.15 9.41 16.67
N PRO C 133 4.90 8.84 15.46
CA PRO C 133 5.83 7.82 14.93
C PRO C 133 7.22 8.36 14.62
N ASN C 134 7.31 9.69 14.36
CA ASN C 134 8.54 10.41 14.07
C ASN C 134 9.37 10.64 15.33
N ALA C 135 8.72 10.67 16.51
CA ALA C 135 9.35 10.86 17.82
C ALA C 135 10.21 9.65 18.20
N SER C 136 11.34 9.91 18.88
CA SER C 136 12.31 8.90 19.31
C SER C 136 11.75 7.95 20.38
N LEU C 137 12.33 6.73 20.44
CA LEU C 137 11.95 5.69 21.40
C LEU C 137 12.24 6.11 22.84
N PHE C 138 13.27 6.95 23.05
CA PHE C 138 13.65 7.49 24.37
C PHE C 138 12.48 8.31 24.93
N ASP C 139 11.89 9.18 24.08
CA ASP C 139 10.73 10.02 24.42
C ASP C 139 9.54 9.14 24.78
N ALA C 140 9.33 8.05 24.02
CA ALA C 140 8.26 7.07 24.22
C ALA C 140 8.43 6.33 25.55
N VAL C 141 9.67 5.89 25.87
CA VAL C 141 10.01 5.19 27.12
C VAL C 141 9.79 6.14 28.32
N SER C 142 10.25 7.40 28.18
CA SER C 142 10.09 8.44 29.19
C SER C 142 8.62 8.75 29.45
N SER C 143 7.81 8.91 28.36
CA SER C 143 6.36 9.20 28.40
C SER C 143 5.56 8.12 29.15
N LEU C 144 6.02 6.85 29.10
CA LEU C 144 5.38 5.71 29.78
C LEU C 144 5.54 5.82 31.29
N ILE C 145 6.78 6.08 31.75
CA ILE C 145 7.13 6.21 33.18
C ILE C 145 6.59 7.53 33.76
N ARG C 146 6.72 8.64 32.99
CA ARG C 146 6.27 10.00 33.33
C ARG C 146 4.79 10.03 33.73
N ASN C 147 3.95 9.28 33.00
CA ASN C 147 2.50 9.19 33.22
C ASN C 147 2.08 7.90 33.94
N LYS C 148 3.07 7.02 34.29
CA LYS C 148 2.91 5.75 35.00
C LYS C 148 1.86 4.84 34.31
N ILE C 149 2.05 4.60 33.00
CA ILE C 149 1.19 3.79 32.14
C ILE C 149 1.96 2.65 31.44
N HIS C 150 1.24 1.66 30.89
CA HIS C 150 1.83 0.51 30.18
C HIS C 150 1.57 0.56 28.68
N ARG C 151 0.42 1.15 28.26
CA ARG C 151 -0.01 1.25 26.87
C ARG C 151 0.08 2.68 26.35
N LEU C 152 0.92 2.90 25.30
CA LEU C 152 1.12 4.20 24.68
C LEU C 152 0.74 4.18 23.19
N PRO C 153 -0.37 4.84 22.79
CA PRO C 153 -0.76 4.81 21.37
C PRO C 153 0.08 5.75 20.51
N VAL C 154 0.46 5.26 19.32
CA VAL C 154 1.23 5.99 18.33
C VAL C 154 0.23 6.63 17.37
N ILE C 155 0.19 7.96 17.33
CA ILE C 155 -0.73 8.74 16.49
C ILE C 155 0.05 9.65 15.52
N ASP C 156 -0.26 9.56 14.21
CA ASP C 156 0.36 10.38 13.17
C ASP C 156 -0.24 11.80 13.21
N PRO C 157 0.58 12.86 13.33
CA PRO C 157 0.01 14.22 13.40
C PRO C 157 -0.76 14.68 12.16
N GLU C 158 -0.29 14.29 10.95
CA GLU C 158 -0.89 14.65 9.66
C GLU C 158 -2.31 14.09 9.47
N SER C 159 -2.48 12.77 9.71
CA SER C 159 -3.76 12.07 9.57
C SER C 159 -4.63 12.13 10.82
N GLY C 160 -4.01 12.02 11.99
CA GLY C 160 -4.68 12.03 13.28
C GLY C 160 -5.11 10.65 13.73
N ASN C 161 -4.93 9.65 12.86
CA ASN C 161 -5.28 8.24 13.09
C ASN C 161 -4.32 7.55 14.03
N THR C 162 -4.83 6.65 14.86
CA THR C 162 -4.01 5.85 15.75
C THR C 162 -3.47 4.70 14.90
N LEU C 163 -2.16 4.46 14.96
CA LEU C 163 -1.50 3.43 14.15
C LEU C 163 -1.20 2.16 14.92
N TYR C 164 -0.52 2.28 16.07
CA TYR C 164 -0.11 1.12 16.86
C TYR C 164 -0.04 1.46 18.34
N ILE C 165 -0.41 0.51 19.20
CA ILE C 165 -0.32 0.73 20.63
C ILE C 165 1.01 0.12 21.09
N LEU C 166 1.95 0.99 21.46
CA LEU C 166 3.30 0.65 21.90
C LEU C 166 3.32 0.29 23.39
N THR C 167 4.00 -0.83 23.72
CA THR C 167 4.13 -1.35 25.09
C THR C 167 5.59 -1.52 25.53
N HIS C 168 5.82 -1.83 26.82
CA HIS C 168 7.13 -2.08 27.40
C HIS C 168 7.75 -3.34 26.78
N LYS C 169 6.95 -4.42 26.63
CA LYS C 169 7.34 -5.71 26.06
C LYS C 169 7.89 -5.61 24.64
N ARG C 170 7.29 -4.75 23.79
CA ARG C 170 7.72 -4.52 22.41
C ARG C 170 9.07 -3.80 22.39
N ILE C 171 9.25 -2.78 23.26
CA ILE C 171 10.49 -2.01 23.38
C ILE C 171 11.61 -2.91 23.92
N LEU C 172 11.31 -3.71 24.96
CA LEU C 172 12.27 -4.65 25.57
C LEU C 172 12.71 -5.72 24.58
N LYS C 173 11.79 -6.20 23.73
CA LYS C 173 12.08 -7.20 22.70
C LYS C 173 13.05 -6.63 21.66
N PHE C 174 12.83 -5.34 21.30
CA PHE C 174 13.66 -4.60 20.35
C PHE C 174 15.05 -4.30 20.94
N LEU C 175 15.09 -3.82 22.20
CA LEU C 175 16.33 -3.49 22.91
C LEU C 175 17.22 -4.72 23.12
N LYS C 176 16.62 -5.89 23.46
CA LYS C 176 17.33 -7.16 23.68
C LYS C 176 18.04 -7.67 22.42
N LEU C 177 17.53 -7.29 21.24
CA LEU C 177 18.10 -7.66 19.94
C LEU C 177 19.41 -6.88 19.71
N PHE C 178 19.49 -5.64 20.24
CA PHE C 178 20.67 -4.78 20.12
C PHE C 178 21.71 -5.08 21.20
N ILE C 179 21.25 -5.43 22.42
CA ILE C 179 22.09 -5.76 23.58
C ILE C 179 22.98 -6.98 23.34
N THR C 180 22.44 -7.98 22.61
CA THR C 180 23.12 -9.23 22.27
C THR C 180 24.14 -9.06 21.12
N GLU C 181 23.94 -8.06 20.23
CA GLU C 181 24.83 -7.77 19.10
C GLU C 181 25.93 -6.78 19.47
N PHE C 182 25.56 -5.68 20.17
CA PHE C 182 26.49 -4.64 20.64
C PHE C 182 27.23 -5.10 21.92
N PRO C 183 28.47 -4.60 22.22
CA PRO C 183 29.18 -5.05 23.44
C PRO C 183 28.48 -4.72 24.74
N LYS C 184 28.43 -5.70 25.67
CA LYS C 184 27.79 -5.59 26.99
C LYS C 184 28.55 -4.62 27.91
N PRO C 185 27.83 -3.67 28.57
CA PRO C 185 28.52 -2.71 29.45
C PRO C 185 28.91 -3.29 30.82
N GLU C 186 29.33 -2.41 31.75
CA GLU C 186 29.78 -2.76 33.09
C GLU C 186 28.69 -3.36 34.00
N PHE C 187 27.44 -2.83 33.94
CA PHE C 187 26.35 -3.31 34.78
C PHE C 187 25.66 -4.58 34.26
N MET C 188 25.93 -4.98 33.00
CA MET C 188 25.38 -6.20 32.38
C MET C 188 25.90 -7.45 33.12
N SER C 189 27.20 -7.42 33.50
CA SER C 189 27.87 -8.49 34.24
C SER C 189 27.69 -8.33 35.76
N LYS C 190 27.12 -7.19 36.21
CA LYS C 190 26.87 -6.90 37.62
C LYS C 190 25.57 -7.52 38.13
N SER C 191 25.52 -7.83 39.44
CA SER C 191 24.38 -8.44 40.11
C SER C 191 23.18 -7.48 40.26
N LEU C 192 21.99 -8.05 40.50
CA LEU C 192 20.74 -7.33 40.68
C LEU C 192 20.70 -6.59 42.03
N GLU C 193 21.33 -7.18 43.07
CA GLU C 193 21.40 -6.60 44.41
C GLU C 193 22.32 -5.37 44.45
N GLU C 194 23.49 -5.47 43.78
CA GLU C 194 24.51 -4.41 43.71
C GLU C 194 24.05 -3.18 42.93
N LEU C 195 23.14 -3.35 41.94
CA LEU C 195 22.62 -2.26 41.12
C LEU C 195 21.32 -1.65 41.70
N GLN C 196 20.53 -2.47 42.43
CA GLN C 196 19.24 -2.11 43.07
C GLN C 196 18.23 -1.54 42.05
N ILE C 197 17.54 -2.46 41.33
CA ILE C 197 16.56 -2.11 40.30
C ILE C 197 15.15 -2.63 40.62
N GLY C 198 14.22 -1.70 40.82
CA GLY C 198 12.83 -2.00 41.10
C GLY C 198 12.42 -1.84 42.56
N THR C 199 11.17 -2.25 42.87
CA THR C 199 10.59 -2.18 44.22
C THR C 199 10.90 -3.47 44.99
N TYR C 200 11.41 -3.32 46.21
CA TYR C 200 11.77 -4.45 47.06
C TYR C 200 11.08 -4.40 48.42
N ALA C 201 10.59 -3.21 48.82
CA ALA C 201 9.89 -2.99 50.09
C ALA C 201 8.38 -2.84 49.88
N ASN C 202 7.59 -3.37 50.84
CA ASN C 202 6.11 -3.36 50.86
C ASN C 202 5.50 -3.94 49.58
N ILE C 203 5.83 -5.21 49.29
CA ILE C 203 5.35 -5.95 48.12
C ILE C 203 3.90 -6.39 48.34
N ALA C 204 3.01 -5.99 47.41
CA ALA C 204 1.59 -6.32 47.45
C ALA C 204 1.38 -7.78 47.00
N MET C 205 0.94 -8.65 47.94
CA MET C 205 0.72 -10.08 47.68
C MET C 205 -0.64 -10.58 48.16
N VAL C 206 -1.05 -11.75 47.65
CA VAL C 206 -2.28 -12.47 48.00
C VAL C 206 -1.95 -13.90 48.47
N ARG C 207 -2.92 -14.60 49.03
CA ARG C 207 -2.76 -15.99 49.45
C ARG C 207 -3.62 -16.90 48.58
N THR C 208 -3.53 -18.22 48.83
CA THR C 208 -4.30 -19.25 48.13
C THR C 208 -5.80 -19.08 48.45
N THR C 209 -6.13 -18.93 49.75
CA THR C 209 -7.49 -18.74 50.29
C THR C 209 -8.12 -17.36 49.98
N THR C 210 -7.30 -16.37 49.52
CA THR C 210 -7.70 -15.00 49.19
C THR C 210 -8.74 -14.97 48.06
N PRO C 211 -9.88 -14.27 48.24
CA PRO C 211 -10.87 -14.18 47.15
C PRO C 211 -10.44 -13.19 46.07
N VAL C 212 -11.08 -13.29 44.88
CA VAL C 212 -10.80 -12.43 43.72
C VAL C 212 -11.14 -10.96 44.02
N TYR C 213 -12.30 -10.69 44.65
CA TYR C 213 -12.73 -9.33 45.01
C TYR C 213 -11.68 -8.60 45.83
N VAL C 214 -11.08 -9.29 46.84
CA VAL C 214 -10.04 -8.78 47.73
C VAL C 214 -8.80 -8.45 46.89
N ALA C 215 -8.39 -9.39 46.00
CA ALA C 215 -7.25 -9.26 45.10
C ALA C 215 -7.42 -8.04 44.21
N LEU C 216 -8.65 -7.85 43.66
CA LEU C 216 -9.01 -6.71 42.82
C LEU C 216 -8.87 -5.40 43.59
N GLY C 217 -9.17 -5.46 44.89
CA GLY C 217 -9.05 -4.32 45.80
C GLY C 217 -7.62 -3.86 45.97
N ILE C 218 -6.68 -4.82 46.07
CA ILE C 218 -5.25 -4.54 46.21
C ILE C 218 -4.76 -3.87 44.93
N PHE C 219 -5.17 -4.40 43.77
CA PHE C 219 -4.85 -3.83 42.45
C PHE C 219 -5.27 -2.36 42.35
N VAL C 220 -6.40 -2.00 42.99
CA VAL C 220 -6.95 -0.64 42.97
C VAL C 220 -6.08 0.33 43.78
N GLN C 221 -5.90 0.08 45.09
CA GLN C 221 -5.15 0.96 45.99
C GLN C 221 -3.64 0.97 45.76
N HIS C 222 -3.01 -0.21 45.56
CA HIS C 222 -1.57 -0.30 45.36
C HIS C 222 -1.11 0.08 43.95
N ARG C 223 -2.01 0.01 42.94
CA ARG C 223 -1.76 0.34 41.54
C ARG C 223 -0.54 -0.42 40.96
N VAL C 224 -0.59 -1.76 41.03
CA VAL C 224 0.46 -2.68 40.54
C VAL C 224 -0.12 -3.67 39.53
N SER C 225 0.71 -4.15 38.57
CA SER C 225 0.28 -5.07 37.51
C SER C 225 -0.01 -6.53 37.97
N ALA C 226 0.79 -7.09 38.89
CA ALA C 226 0.58 -8.47 39.35
C ALA C 226 0.78 -8.68 40.85
N LEU C 227 0.04 -9.64 41.41
CA LEU C 227 0.10 -10.00 42.82
C LEU C 227 0.57 -11.44 43.00
N PRO C 228 1.76 -11.67 43.63
CA PRO C 228 2.22 -13.05 43.83
C PRO C 228 1.37 -13.79 44.87
N VAL C 229 0.88 -14.97 44.49
CA VAL C 229 0.06 -15.86 45.31
C VAL C 229 1.00 -16.71 46.17
N VAL C 230 0.84 -16.63 47.51
CA VAL C 230 1.67 -17.37 48.46
C VAL C 230 0.88 -18.49 49.16
N ASP C 231 1.59 -19.56 49.61
CA ASP C 231 1.03 -20.71 50.31
C ASP C 231 0.80 -20.37 51.80
N GLU C 232 0.60 -21.41 52.65
CA GLU C 232 0.43 -21.26 54.11
C GLU C 232 1.71 -20.64 54.68
N LYS C 233 2.88 -21.04 54.10
CA LYS C 233 4.21 -20.52 54.41
C LYS C 233 4.56 -19.40 53.41
N GLY C 234 5.50 -18.54 53.80
CA GLY C 234 5.96 -17.39 53.04
C GLY C 234 6.40 -17.61 51.60
N ARG C 235 6.61 -18.89 51.21
CA ARG C 235 7.02 -19.29 49.87
C ARG C 235 5.92 -19.00 48.83
N VAL C 236 6.31 -18.43 47.68
CA VAL C 236 5.41 -18.05 46.58
C VAL C 236 5.09 -19.25 45.65
N VAL C 237 3.80 -19.59 45.53
CA VAL C 237 3.33 -20.71 44.70
C VAL C 237 2.91 -20.27 43.30
N ASP C 238 2.13 -19.17 43.17
CA ASP C 238 1.64 -18.65 41.88
C ASP C 238 1.75 -17.12 41.79
N ILE C 239 1.30 -16.52 40.66
CA ILE C 239 1.27 -15.07 40.40
C ILE C 239 -0.04 -14.72 39.70
N TYR C 240 -0.88 -13.86 40.32
CA TYR C 240 -2.16 -13.39 39.79
C TYR C 240 -1.97 -12.00 39.17
N SER C 241 -1.93 -11.94 37.85
CA SER C 241 -1.73 -10.72 37.07
C SER C 241 -3.06 -10.06 36.68
N LYS C 242 -2.99 -8.79 36.21
CA LYS C 242 -4.15 -8.03 35.73
C LYS C 242 -4.72 -8.70 34.49
N PHE C 243 -3.88 -9.44 33.75
CA PHE C 243 -4.23 -10.20 32.56
C PHE C 243 -5.15 -11.36 32.90
N ASP C 244 -4.94 -11.99 34.06
CA ASP C 244 -5.74 -13.12 34.53
C ASP C 244 -7.17 -12.69 34.91
N VAL C 245 -7.39 -11.37 35.07
CA VAL C 245 -8.70 -10.81 35.38
C VAL C 245 -9.56 -10.86 34.09
N ILE C 246 -8.92 -10.68 32.91
CA ILE C 246 -9.58 -10.70 31.59
C ILE C 246 -10.33 -12.02 31.32
N ASN C 247 -9.92 -13.11 32.02
CA ASN C 247 -10.51 -14.44 31.92
C ASN C 247 -11.96 -14.44 32.42
N LEU C 248 -12.29 -13.59 33.40
CA LEU C 248 -13.64 -13.45 33.98
C LEU C 248 -14.62 -12.94 32.90
N ALA C 249 -14.14 -12.02 32.04
CA ALA C 249 -14.91 -11.46 30.93
C ALA C 249 -15.03 -12.51 29.83
N ALA C 250 -13.94 -13.27 29.58
CA ALA C 250 -13.85 -14.31 28.56
C ALA C 250 -14.82 -15.48 28.86
N GLU C 251 -14.72 -16.06 30.06
CA GLU C 251 -15.52 -17.19 30.51
C GLU C 251 -16.92 -16.79 30.99
N LYS C 252 -17.21 -15.46 31.05
CA LYS C 252 -18.47 -14.89 31.56
C LYS C 252 -18.68 -15.40 33.01
N THR C 253 -17.66 -15.19 33.86
CA THR C 253 -17.59 -15.62 35.27
C THR C 253 -17.36 -14.46 36.25
N TYR C 254 -17.42 -13.19 35.76
CA TYR C 254 -17.21 -11.96 36.51
C TYR C 254 -18.20 -11.71 37.65
N ASN C 255 -19.41 -12.30 37.59
CA ASN C 255 -20.43 -12.08 38.60
C ASN C 255 -20.14 -12.78 39.95
N ASN C 256 -19.16 -13.71 39.98
CA ASN C 256 -18.77 -14.38 41.22
C ASN C 256 -17.32 -14.06 41.56
N LEU C 257 -17.12 -13.01 42.38
CA LEU C 257 -15.80 -12.54 42.80
C LEU C 257 -15.42 -13.06 44.18
N ASP C 258 -16.35 -13.81 44.82
CA ASP C 258 -16.16 -14.44 46.13
C ASP C 258 -15.16 -15.61 46.05
N VAL C 259 -15.01 -16.20 44.85
CA VAL C 259 -14.11 -17.33 44.56
C VAL C 259 -12.65 -17.01 44.88
N SER C 260 -11.89 -18.03 45.30
CA SER C 260 -10.48 -17.86 45.63
C SER C 260 -9.66 -17.59 44.37
N VAL C 261 -8.49 -16.95 44.55
CA VAL C 261 -7.53 -16.61 43.50
C VAL C 261 -7.05 -17.88 42.78
N THR C 262 -6.69 -18.94 43.56
CA THR C 262 -6.25 -20.25 43.08
C THR C 262 -7.31 -20.94 42.23
N LYS C 263 -8.60 -20.82 42.62
CA LYS C 263 -9.75 -21.37 41.89
C LYS C 263 -9.88 -20.71 40.51
N ALA C 264 -9.65 -19.38 40.46
CA ALA C 264 -9.73 -18.57 39.24
C ALA C 264 -8.61 -18.90 38.26
N LEU C 265 -7.41 -19.22 38.79
CA LEU C 265 -6.23 -19.55 38.01
C LEU C 265 -6.22 -21.00 37.48
N GLN C 266 -7.25 -21.81 37.84
CA GLN C 266 -7.39 -23.21 37.41
C GLN C 266 -7.59 -23.37 35.89
N HIS C 267 -8.09 -22.29 35.20
CA HIS C 267 -8.32 -22.24 33.74
C HIS C 267 -7.04 -22.51 32.91
N ARG C 268 -5.87 -22.39 33.56
CA ARG C 268 -4.55 -22.64 32.99
C ARG C 268 -3.60 -23.27 34.02
N GLU C 273 1.26 -24.43 33.75
CA GLU C 273 2.53 -23.72 33.57
C GLU C 273 3.24 -23.47 34.90
N GLY C 274 4.57 -23.61 34.90
CA GLY C 274 5.42 -23.39 36.07
C GLY C 274 5.77 -21.93 36.27
N VAL C 275 5.85 -21.49 37.55
CA VAL C 275 6.14 -20.09 37.91
C VAL C 275 7.62 -19.73 37.73
N LEU C 276 7.86 -18.57 37.08
CA LEU C 276 9.20 -18.03 36.78
C LEU C 276 9.65 -17.07 37.87
N LYS C 277 10.90 -17.26 38.34
CA LYS C 277 11.51 -16.46 39.41
C LYS C 277 13.00 -16.18 39.16
N CYS C 278 13.51 -15.07 39.72
CA CYS C 278 14.92 -14.68 39.64
C CYS C 278 15.50 -14.48 41.05
N TYR C 279 16.83 -14.65 41.20
CA TYR C 279 17.52 -14.49 42.48
C TYR C 279 18.33 -13.19 42.52
N LEU C 280 18.58 -12.66 43.74
CA LEU C 280 19.32 -11.42 43.96
C LEU C 280 20.79 -11.46 43.48
N HIS C 281 21.40 -12.67 43.42
CA HIS C 281 22.79 -12.87 42.98
C HIS C 281 22.95 -13.00 41.45
N GLU C 282 21.82 -13.18 40.72
CA GLU C 282 21.80 -13.32 39.25
C GLU C 282 22.17 -12.01 38.54
N THR C 283 22.79 -12.10 37.35
CA THR C 283 23.21 -10.95 36.54
C THR C 283 22.05 -10.29 35.80
N LEU C 284 22.14 -8.94 35.63
CA LEU C 284 21.12 -8.12 34.96
C LEU C 284 20.89 -8.54 33.50
N GLU C 285 21.98 -8.89 32.77
CA GLU C 285 21.92 -9.33 31.37
C GLU C 285 21.13 -10.64 31.25
N ALA C 286 21.34 -11.58 32.19
CA ALA C 286 20.64 -12.87 32.24
C ALA C 286 19.17 -12.66 32.62
N ILE C 287 18.89 -11.74 33.57
CA ILE C 287 17.56 -11.37 34.04
C ILE C 287 16.74 -10.78 32.89
N ILE C 288 17.37 -9.90 32.08
CA ILE C 288 16.78 -9.27 30.90
C ILE C 288 16.45 -10.36 29.86
N ASN C 289 17.40 -11.30 29.64
CA ASN C 289 17.25 -12.42 28.71
C ASN C 289 16.14 -13.39 29.13
N ARG C 290 16.04 -13.68 30.45
CA ARG C 290 15.04 -14.58 31.03
C ARG C 290 13.62 -14.07 30.86
N LEU C 291 13.41 -12.73 30.98
CA LEU C 291 12.11 -12.08 30.83
C LEU C 291 11.59 -12.12 29.40
N VAL C 292 12.44 -11.72 28.43
CA VAL C 292 12.07 -11.67 27.02
C VAL C 292 11.92 -13.07 26.40
N GLU C 293 12.69 -14.07 26.88
CA GLU C 293 12.63 -15.45 26.39
C GLU C 293 11.33 -16.15 26.82
N ALA C 294 10.84 -15.83 28.04
CA ALA C 294 9.60 -16.38 28.57
C ALA C 294 8.40 -15.50 28.20
N GLU C 295 8.66 -14.24 27.76
CA GLU C 295 7.68 -13.22 27.36
C GLU C 295 6.71 -12.89 28.51
N VAL C 296 7.26 -12.34 29.60
CA VAL C 296 6.53 -11.97 30.83
C VAL C 296 6.80 -10.47 31.15
N HIS C 297 5.89 -9.80 31.88
CA HIS C 297 6.02 -8.39 32.25
C HIS C 297 6.93 -8.17 33.47
N ARG C 298 6.99 -9.14 34.40
CA ARG C 298 7.83 -9.02 35.60
C ARG C 298 8.29 -10.37 36.15
N LEU C 299 9.46 -10.37 36.80
CA LEU C 299 10.03 -11.54 37.47
C LEU C 299 10.05 -11.31 38.97
N VAL C 300 9.88 -12.39 39.74
CA VAL C 300 9.85 -12.31 41.21
C VAL C 300 11.26 -12.51 41.78
N VAL C 301 11.70 -11.58 42.65
CA VAL C 301 13.01 -11.65 43.32
C VAL C 301 12.81 -12.56 44.54
N VAL C 302 13.18 -13.83 44.37
CA VAL C 302 13.01 -14.92 45.33
C VAL C 302 14.34 -15.31 46.00
N ASP C 303 14.28 -15.63 47.32
CA ASP C 303 15.43 -16.06 48.13
C ASP C 303 15.62 -17.59 48.08
N GLU C 304 16.66 -18.11 48.77
CA GLU C 304 17.01 -19.53 48.83
C GLU C 304 15.85 -20.47 49.24
N HIS C 305 14.98 -20.02 50.18
CA HIS C 305 13.84 -20.79 50.68
C HIS C 305 12.52 -20.60 49.87
N ASP C 306 12.65 -20.23 48.57
CA ASP C 306 11.57 -20.01 47.58
C ASP C 306 10.50 -18.97 48.01
N VAL C 307 10.85 -18.05 48.94
CA VAL C 307 9.97 -16.99 49.43
C VAL C 307 10.25 -15.63 48.74
N VAL C 308 9.21 -14.79 48.58
CA VAL C 308 9.29 -13.49 47.94
C VAL C 308 10.10 -12.47 48.75
N LYS C 309 11.08 -11.81 48.09
CA LYS C 309 11.97 -10.81 48.68
C LYS C 309 11.82 -9.44 48.01
N GLY C 310 11.39 -9.45 46.75
CA GLY C 310 11.18 -8.25 45.94
C GLY C 310 10.54 -8.53 44.60
N ILE C 311 10.54 -7.52 43.71
CA ILE C 311 9.97 -7.63 42.35
C ILE C 311 10.74 -6.75 41.35
N VAL C 312 10.73 -7.14 40.07
CA VAL C 312 11.42 -6.39 39.00
C VAL C 312 10.56 -6.40 37.72
N SER C 313 9.92 -5.25 37.45
CA SER C 313 9.04 -5.05 36.29
C SER C 313 9.80 -4.56 35.07
N LEU C 314 9.15 -4.69 33.89
CA LEU C 314 9.65 -4.25 32.58
C LEU C 314 9.83 -2.73 32.60
N SER C 315 8.95 -2.02 33.33
CA SER C 315 8.98 -0.57 33.52
C SER C 315 10.22 -0.12 34.29
N ASP C 316 10.70 -0.98 35.23
CA ASP C 316 11.88 -0.70 36.05
C ASP C 316 13.18 -0.79 35.26
N ILE C 317 13.32 -1.81 34.41
CA ILE C 317 14.50 -2.04 33.56
C ILE C 317 14.66 -0.87 32.59
N LEU C 318 13.55 -0.44 31.96
CA LEU C 318 13.51 0.69 31.03
C LEU C 318 13.82 2.01 31.72
N GLN C 319 13.50 2.14 33.04
CA GLN C 319 13.77 3.34 33.83
C GLN C 319 15.26 3.59 34.03
N ALA C 320 16.01 2.53 34.43
CA ALA C 320 17.45 2.58 34.65
C ALA C 320 18.20 2.82 33.33
N LEU C 321 17.69 2.23 32.22
CA LEU C 321 18.28 2.37 30.89
C LEU C 321 17.92 3.69 30.18
N VAL C 322 17.11 4.54 30.83
CA VAL C 322 16.67 5.85 30.34
C VAL C 322 16.65 6.87 31.49
O4 STU D . 10.20 -0.60 -32.61
C25 STU D . 11.08 -1.70 -32.88
C24 STU D . 10.42 -3.02 -32.59
C23 STU D . 8.97 -2.87 -32.12
C22 STU D . 8.87 -1.88 -30.97
C21 STU D . 9.39 -0.50 -31.43
C26 STU D . 8.27 0.36 -31.98
N2 STU D . 10.19 0.18 -30.38
C18 STU D . 11.57 0.02 -30.24
C19 STU D . 12.51 -0.70 -31.03
C6 STU D . 13.87 -0.74 -30.63
C7 STU D . 14.25 -0.10 -29.45
C10 STU D . 13.34 0.61 -28.67
C11 STU D . 12.00 0.68 -29.06
C12 STU D . 10.81 1.28 -28.47
C17 STU D . 9.73 0.95 -29.30
C16 STU D . 8.44 1.42 -29.03
C15 STU D . 8.25 2.24 -27.92
C14 STU D . 9.31 2.57 -27.09
C13 STU D . 10.58 2.09 -27.35
C9 STU D . 13.99 1.17 -27.45
N1 STU D . 15.39 0.74 -27.63
C8 STU D . 15.58 0.00 -28.80
O5 STU D . 16.65 -0.45 -29.17
C5 STU D . 14.55 -1.60 -31.58
C20 STU D . 13.58 -2.03 -32.51
C1 STU D . 13.91 -2.89 -33.54
C2 STU D . 15.21 -3.35 -33.65
C3 STU D . 16.18 -2.95 -32.73
C4 STU D . 15.85 -2.07 -31.70
N3 STU D . 12.34 -1.46 -32.16
O6 STU D . 9.65 -2.36 -29.88
C27 STU D . 8.96 -2.47 -28.64
N4 STU D . 8.34 -4.17 -31.76
C28 STU D . 7.04 -4.38 -32.38
CL CL E . 23.82 -4.24 -27.92
CL CL F . 6.10 -16.75 -32.19
CL CL G . 6.94 -1.72 -35.27
S SO4 H . 25.83 1.74 -38.23
O1 SO4 H . 26.26 2.55 -39.37
O2 SO4 H . 24.64 2.36 -37.63
O3 SO4 H . 25.49 0.40 -38.67
O4 SO4 H . 26.91 1.67 -37.25
N3 75O I . 7.31 14.45 -35.78
C4 75O I . 14.41 12.23 -38.32
N2 75O I . 13.27 12.67 -40.40
C7 75O I . 12.18 12.97 -39.72
C6 75O I . 12.11 12.95 -38.31
C9 75O I . 10.89 13.40 -37.56
C13 75O I . 9.75 14.96 -36.08
C8 75O I . 11.07 13.22 -41.80
C16 75O I . 7.17 12.63 -37.09
C1 75O I . 15.44 12.05 -41.93
N1 75O I . 15.43 11.89 -40.49
C2 75O I . 16.55 11.17 -39.91
C3 75O I . 14.37 12.30 -39.73
C5 75O I . 13.26 12.56 -37.62
O1 75O I . 11.05 13.32 -40.38
C10 75O I . 9.71 12.69 -37.73
C11 75O I . 8.54 13.11 -37.10
C12 75O I . 8.57 14.25 -36.27
C14 75O I . 10.89 14.53 -36.72
CL1 75O I . 12.36 15.41 -36.47
C15 75O I . 6.47 13.47 -36.26
C17 75O I . 6.62 11.50 -37.87
O2 75O I . 7.31 10.86 -38.67
O3 75O I . 5.34 11.24 -37.68
P AMP J . 4.15 -2.75 36.84
O1P AMP J . 4.53 -2.81 35.39
O2P AMP J . 4.16 -4.13 37.49
O3P AMP J . 2.78 -2.10 37.10
O5' AMP J . 5.23 -1.90 37.63
C5' AMP J . 5.25 -0.52 38.08
C4' AMP J . 5.89 -0.47 39.45
O4' AMP J . 5.18 -1.35 40.36
C3' AMP J . 7.36 -0.86 39.54
O3' AMP J . 8.11 0.09 40.29
C2' AMP J . 7.33 -2.25 40.18
O2' AMP J . 8.50 -2.55 40.92
C1' AMP J . 6.10 -2.13 41.08
N9 AMP J . 5.47 -3.40 41.43
C8 AMP J . 5.09 -4.40 40.57
N7 AMP J . 4.53 -5.43 41.17
C5 AMP J . 4.55 -5.09 42.51
C6 AMP J . 4.10 -5.75 43.67
N6 AMP J . 3.53 -6.96 43.65
N1 AMP J . 4.25 -5.12 44.85
C2 AMP J . 4.83 -3.91 44.87
N3 AMP J . 5.29 -3.19 43.85
C4 AMP J . 5.13 -3.83 42.69
P AMP K . 1.42 -10.25 31.65
O1P AMP K . 1.00 -9.63 30.31
O2P AMP K . 0.89 -9.49 32.83
O3P AMP K . 2.94 -10.37 31.64
O5' AMP K . 0.92 -11.74 31.60
C5' AMP K . 0.03 -12.44 32.51
C4' AMP K . 0.42 -13.90 32.61
O4' AMP K . 1.80 -14.01 33.04
C3' AMP K . -0.41 -14.71 33.60
O3' AMP K . -0.79 -15.97 33.08
C2' AMP K . 0.50 -14.79 34.83
O2' AMP K . 0.26 -15.93 35.64
C1' AMP K . 1.88 -14.86 34.17
N9 AMP K . 2.98 -14.40 35.01
C8 AMP K . 3.23 -13.15 35.49
N7 AMP K . 4.31 -13.04 36.21
C5 AMP K . 4.83 -14.33 36.22
C6 AMP K . 5.97 -14.89 36.82
N6 AMP K . 6.86 -14.19 37.52
N1 AMP K . 6.18 -16.22 36.65
C2 AMP K . 5.31 -16.93 35.91
N3 AMP K . 4.21 -16.50 35.29
C4 AMP K . 4.02 -15.20 35.48
PB ADP L . -2.85 -2.08 31.93
O1B ADP L . -2.59 -1.76 30.46
O2B ADP L . -3.96 -3.10 32.12
O3B ADP L . -1.52 -2.51 32.56
PA ADP L . -2.67 0.78 32.62
O1A ADP L . -2.08 1.06 31.23
O2A ADP L . -1.59 0.90 33.63
O3A ADP L . -3.26 -0.70 32.63
O5' ADP L . -3.84 1.83 32.87
C5' ADP L . -4.28 2.49 34.07
C4' ADP L . -5.23 3.61 33.76
O4' ADP L . -4.65 4.54 32.82
C3' ADP L . -6.60 3.21 33.19
O3' ADP L . -7.67 3.78 33.93
C2' ADP L . -6.54 3.70 31.73
O2' ADP L . -7.81 4.11 31.23
C1' ADP L . -5.58 4.88 31.82
N9 ADP L . -4.86 5.18 30.59
C8 ADP L . -3.83 4.45 30.03
N7 ADP L . -3.32 4.99 28.95
C5 ADP L . -4.07 6.14 28.77
C6 ADP L . -4.02 7.16 27.79
N6 ADP L . -3.15 7.18 26.78
N1 ADP L . -4.90 8.18 27.91
C2 ADP L . -5.77 8.17 28.92
N3 ADP L . -5.92 7.27 29.90
C4 ADP L . -5.02 6.27 29.77
S SO4 M . 1.53 -6.92 25.75
O1 SO4 M . 2.15 -5.74 26.37
O2 SO4 M . 0.52 -6.49 24.78
O3 SO4 M . 2.55 -7.70 25.06
O4 SO4 M . 0.88 -7.75 26.77
#